data_2V16
#
_entry.id   2V16
#
_cell.length_a   142.900
_cell.length_b   142.900
_cell.length_c   142.900
_cell.angle_alpha   90.00
_cell.angle_beta   90.00
_cell.angle_gamma   90.00
#
_symmetry.space_group_name_H-M   'P 21 3'
#
loop_
_entity.id
_entity.type
_entity.pdbx_description
1 polymer RENIN
2 non-polymer 'METHYL (3R)-1-[(5S,6S,8R)-5-AMINO-9-BUTYLAMINO-6-HYDROXY-3,3,8-TRIMETHYL-9-OXO-NONANOYL]-3,4-DIHYDRO-2H-QUINOLINE-3-CARBOXYLATE'
3 water water
#
_entity_poly.entity_id   1
_entity_poly.type   'polypeptide(L)'
_entity_poly.pdbx_seq_one_letter_code
;LTLGNTTSSVILTNYMDTQYYGEIGIGTPPQTFKVVFDTGSSNVWVPSSKCSRLYTACVYHKLFDASDSSSYKHNGTELT
LRYSTGTVSGFLSQDIITVGGITVTQMFGEVTEMPALPFMLAEFDGVVGMGFIEQAIGRVTPIFDNIISQGVLKEDVFSF
YYNRDSENSQSLGGQIVLGGSDPQHYEGNFHYINLIKTGVWQIQMKGVSVGSSTLLCEDGCLALVDTGASYISGSTSSIE
KLMEALGAKKRLFDYVVKCNEGPTLPDISFHLGGKEYTLTSADYVFQESYSSKKLCTLAIHAMDIPPPTGPTWALGATFI
RKFYTEFDRRNNRIGFALAR
;
_entity_poly.pdbx_strand_id   C,O
#
loop_
_chem_comp.id
_chem_comp.type
_chem_comp.name
_chem_comp.formula
C47 non-polymer 'METHYL (3R)-1-[(5S,6S,8R)-5-AMINO-9-BUTYLAMINO-6-HYDROXY-3,3,8-TRIMETHYL-9-OXO-NONANOYL]-3,4-DIHYDRO-2H-QUINOLINE-3-CARBOXYLATE' 'C27 H43 N3 O5'
#
# COMPACT_ATOMS: atom_id res chain seq x y z
N GLY A 4 23.13 -16.76 -19.12
CA GLY A 4 22.28 -18.19 -19.19
C GLY A 4 20.81 -17.69 -19.68
N ASN A 5 19.78 -18.64 -19.38
CA ASN A 5 18.55 -17.99 -19.69
C ASN A 5 17.48 -18.72 -18.99
N THR A 6 17.51 -18.55 -17.67
CA THR A 6 16.48 -19.21 -16.85
C THR A 6 16.17 -18.08 -15.92
N THR A 7 14.90 -18.14 -15.48
CA THR A 7 14.70 -17.12 -14.61
C THR A 7 13.90 -17.80 -13.70
N SER A 8 13.82 -17.37 -12.46
CA SER A 8 12.93 -18.18 -11.53
C SER A 8 12.52 -17.32 -10.33
N SER A 9 11.48 -17.79 -9.70
CA SER A 9 10.91 -17.14 -8.50
C SER A 9 10.42 -18.06 -7.53
N VAL A 10 10.69 -17.83 -6.36
CA VAL A 10 9.90 -18.59 -5.49
C VAL A 10 8.59 -17.78 -5.19
N ILE A 11 7.61 -18.30 -4.66
CA ILE A 11 6.38 -17.46 -4.32
C ILE A 11 6.21 -17.42 -2.85
N LEU A 12 6.05 -16.35 -2.14
CA LEU A 12 6.03 -16.40 -0.56
C LEU A 12 4.81 -16.18 0.11
N THR A 13 4.71 -16.61 1.27
CA THR A 13 3.48 -16.39 2.00
C THR A 13 3.64 -15.24 2.92
N ASN A 14 2.80 -14.33 3.00
CA ASN A 14 2.88 -13.17 3.93
C ASN A 14 2.00 -13.42 5.12
N TYR A 15 2.61 -13.39 6.40
CA TYR A 15 2.10 -13.54 7.70
C TYR A 15 2.26 -12.25 8.51
N MET A 16 1.15 -11.69 8.69
CA MET A 16 0.92 -10.57 9.38
C MET A 16 1.71 -9.44 9.03
N ASP A 17 2.11 -9.44 7.79
CA ASP A 17 3.00 -8.52 7.25
C ASP A 17 4.30 -8.71 8.13
N THR A 18 4.38 -9.66 9.07
CA THR A 18 5.57 -9.62 9.80
C THR A 18 6.52 -10.71 9.49
N GLN A 19 6.05 -11.63 8.80
CA GLN A 19 6.90 -12.81 8.46
C GLN A 19 6.50 -13.39 7.05
N TYR A 20 7.40 -13.40 6.09
CA TYR A 20 7.35 -13.74 4.76
C TYR A 20 8.20 -14.89 4.35
N TYR A 21 7.70 -16.07 4.14
CA TYR A 21 8.34 -17.32 3.79
C TYR A 21 8.02 -18.02 2.45
N GLY A 22 8.93 -18.80 1.80
CA GLY A 22 8.63 -19.44 0.68
C GLY A 22 9.04 -20.83 1.07
N GLU A 23 9.07 -21.77 0.13
CA GLU A 23 9.53 -23.24 0.21
C GLU A 23 10.69 -23.77 -0.63
N ILE A 24 11.39 -24.54 0.01
CA ILE A 24 12.52 -25.17 -0.65
C ILE A 24 12.29 -26.60 -0.17
N GLY A 25 13.00 -27.51 -0.97
CA GLY A 25 13.19 -28.94 -0.73
C GLY A 25 14.57 -29.48 -0.65
N ILE A 26 14.92 -29.87 0.49
CA ILE A 26 16.28 -30.53 0.81
C ILE A 26 16.19 -32.11 0.55
N GLY A 27 17.09 -32.68 -0.12
CA GLY A 27 17.04 -34.07 -0.10
C GLY A 27 16.23 -34.96 -0.94
N THR A 28 16.85 -36.05 -1.24
CA THR A 28 16.30 -36.86 -2.16
C THR A 28 15.66 -38.00 -1.88
N PRO A 29 14.40 -38.14 -1.52
CA PRO A 29 13.10 -37.45 -1.50
C PRO A 29 13.05 -36.27 -0.74
N PRO A 30 12.62 -35.23 -1.41
CA PRO A 30 12.55 -33.97 -0.80
C PRO A 30 11.85 -33.96 0.45
N GLN A 31 12.32 -33.14 1.39
CA GLN A 31 11.76 -32.85 2.76
C GLN A 31 11.24 -31.48 2.62
N THR A 32 10.09 -31.01 2.90
CA THR A 32 9.82 -29.76 2.49
C THR A 32 9.84 -28.67 3.55
N PHE A 33 10.64 -27.67 3.64
CA PHE A 33 10.58 -26.81 4.57
C PHE A 33 10.26 -25.53 4.08
N LYS A 34 9.60 -24.74 4.88
CA LYS A 34 9.24 -23.33 4.78
C LYS A 34 10.36 -22.31 5.26
N VAL A 35 10.70 -21.35 4.49
CA VAL A 35 11.79 -20.52 4.93
C VAL A 35 11.71 -19.08 4.52
N VAL A 36 12.28 -18.22 5.30
CA VAL A 36 12.45 -16.76 5.06
C VAL A 36 13.68 -16.64 4.15
N PHE A 37 13.71 -15.80 3.09
CA PHE A 37 14.80 -15.60 2.24
C PHE A 37 15.29 -14.33 2.71
N ASP A 38 16.32 -14.41 3.36
CA ASP A 38 17.14 -13.36 4.05
C ASP A 38 18.42 -12.70 3.44
N THR A 39 18.50 -11.43 3.07
CA THR A 39 19.59 -10.90 2.72
C THR A 39 20.30 -10.48 3.95
N GLY A 40 19.98 -10.64 5.16
CA GLY A 40 20.73 -10.14 6.18
C GLY A 40 21.78 -11.17 6.60
N SER A 41 21.88 -12.32 6.05
CA SER A 41 22.93 -13.36 6.49
C SER A 41 23.21 -14.30 5.36
N SER A 42 24.19 -15.06 5.62
CA SER A 42 24.54 -15.85 4.52
C SER A 42 24.48 -17.30 4.60
N ASN A 43 23.92 -17.82 5.64
CA ASN A 43 23.84 -19.25 5.85
C ASN A 43 22.43 -19.92 5.65
N VAL A 44 22.40 -21.20 5.26
CA VAL A 44 21.12 -21.99 5.20
C VAL A 44 20.98 -22.93 6.39
N TRP A 45 19.87 -22.97 7.06
CA TRP A 45 19.73 -23.99 8.15
C TRP A 45 18.38 -24.38 8.21
N VAL A 46 17.99 -25.49 8.74
CA VAL A 46 16.62 -25.96 8.93
C VAL A 46 16.75 -26.74 10.13
N PRO A 47 15.69 -27.10 10.84
CA PRO A 47 15.78 -27.93 12.07
C PRO A 47 16.03 -29.47 11.88
N SER A 48 16.63 -30.16 12.83
CA SER A 48 17.06 -31.51 12.73
C SER A 48 16.30 -32.25 13.54
N SER A 49 16.24 -33.27 13.07
CA SER A 49 15.67 -34.35 13.60
C SER A 49 16.49 -34.63 14.73
N LYS A 50 17.72 -34.55 14.57
CA LYS A 50 18.54 -34.83 15.81
C LYS A 50 18.19 -33.69 17.03
N CYS A 51 17.50 -32.47 16.71
CA CYS A 51 17.17 -31.61 17.77
C CYS A 51 16.32 -32.30 18.87
N SER A 52 16.66 -32.13 20.12
CA SER A 52 15.93 -32.52 21.22
C SER A 52 14.55 -31.78 21.25
N ARG A 53 13.50 -32.49 21.75
CA ARG A 53 12.17 -32.06 21.78
C ARG A 53 11.96 -31.68 23.05
N LEU A 54 12.88 -31.36 23.72
CA LEU A 54 12.65 -30.78 25.02
C LEU A 54 12.78 -29.31 24.56
N TYR A 55 13.53 -28.90 23.48
CA TYR A 55 13.43 -27.49 22.83
C TYR A 55 11.97 -27.46 22.21
N THR A 56 10.89 -26.69 22.65
CA THR A 56 9.62 -26.85 22.07
C THR A 56 9.43 -26.36 20.73
N ALA A 57 10.27 -25.42 20.28
CA ALA A 57 10.24 -25.13 18.92
C ALA A 57 10.49 -26.38 17.95
N CYS A 58 11.16 -27.42 18.21
CA CYS A 58 11.42 -28.50 17.41
C CYS A 58 10.30 -29.38 17.46
N VAL A 59 9.44 -29.18 18.35
CA VAL A 59 8.23 -30.08 18.33
C VAL A 59 7.17 -29.60 17.39
N TYR A 60 7.39 -28.36 17.15
CA TYR A 60 6.55 -27.53 16.37
C TYR A 60 7.08 -27.21 14.93
N HIS A 61 8.30 -27.49 14.40
CA HIS A 61 8.52 -27.23 13.14
C HIS A 61 8.90 -28.54 12.38
N LYS A 62 8.89 -28.66 11.04
CA LYS A 62 9.38 -29.86 10.47
C LYS A 62 10.89 -30.07 10.62
N LEU A 63 11.45 -31.20 10.84
CA LEU A 63 12.83 -31.59 10.97
C LEU A 63 13.39 -32.42 9.84
N PHE A 64 14.67 -32.21 9.74
CA PHE A 64 15.26 -32.88 8.68
C PHE A 64 15.89 -34.20 9.14
N ASP A 65 15.53 -35.32 8.56
CA ASP A 65 16.04 -36.54 8.83
C ASP A 65 16.95 -36.97 7.70
N ALA A 66 18.16 -37.10 7.94
CA ALA A 66 18.78 -37.38 6.83
C ALA A 66 18.99 -38.70 6.64
N SER A 67 18.58 -39.45 7.45
CA SER A 67 18.90 -40.95 7.07
C SER A 67 17.62 -41.48 6.27
N ASP A 68 17.18 -40.66 5.41
CA ASP A 68 16.02 -40.91 4.80
C ASP A 68 16.21 -40.18 3.65
N SER A 69 17.41 -39.86 3.42
CA SER A 69 17.85 -39.09 2.26
C SER A 69 19.00 -39.88 1.67
N SER A 70 18.70 -40.31 0.48
CA SER A 70 19.55 -40.99 -0.38
C SER A 70 20.89 -40.09 -0.68
N SER A 71 20.79 -38.66 -0.80
CA SER A 71 21.80 -37.77 -1.27
C SER A 71 22.62 -36.90 -0.30
N TYR A 72 22.39 -37.09 1.09
CA TYR A 72 22.95 -36.50 2.21
C TYR A 72 24.25 -36.76 2.20
N LYS A 73 24.82 -36.05 2.74
CA LYS A 73 26.26 -36.21 2.81
C LYS A 73 26.80 -35.62 4.15
N HIS A 74 27.43 -36.50 4.87
CA HIS A 74 27.90 -36.12 6.13
C HIS A 74 28.96 -35.06 6.17
N ASN A 75 28.90 -34.11 7.15
CA ASN A 75 29.85 -33.13 7.46
C ASN A 75 30.14 -33.10 8.96
N GLY A 76 29.39 -32.43 9.79
CA GLY A 76 29.69 -32.50 11.10
C GLY A 76 30.24 -31.26 11.71
N THR A 77 30.84 -30.30 11.05
CA THR A 77 31.23 -29.14 11.97
C THR A 77 30.01 -28.35 12.55
N GLU A 78 30.26 -27.88 13.74
CA GLU A 78 29.39 -27.16 14.61
C GLU A 78 29.37 -25.89 14.09
N LEU A 79 28.33 -25.23 14.29
CA LEU A 79 28.16 -24.03 13.75
C LEU A 79 27.05 -23.52 14.65
N THR A 80 27.31 -22.27 15.09
CA THR A 80 26.46 -21.40 15.89
C THR A 80 26.09 -20.11 15.12
N LEU A 81 24.71 -19.74 14.91
CA LEU A 81 24.35 -18.60 14.21
C LEU A 81 23.85 -17.56 15.12
N ARG A 82 24.47 -16.41 15.21
CA ARG A 82 23.91 -15.33 16.04
C ARG A 82 23.11 -14.25 15.33
N TYR A 83 21.98 -13.89 15.72
CA TYR A 83 21.40 -12.95 14.88
C TYR A 83 20.97 -11.71 15.68
N SER A 84 20.22 -10.71 15.25
CA SER A 84 19.82 -9.55 15.83
C SER A 84 19.03 -10.02 17.09
N THR A 85 18.38 -11.05 16.77
CA THR A 85 17.45 -11.52 17.66
C THR A 85 17.15 -12.93 18.16
N GLY A 86 18.10 -13.89 18.19
CA GLY A 86 18.22 -15.20 18.62
C GLY A 86 19.37 -16.02 18.03
N THR A 87 19.83 -17.08 18.66
CA THR A 87 20.90 -17.96 18.24
C THR A 87 20.23 -19.37 18.00
N VAL A 88 20.86 -20.05 17.10
CA VAL A 88 20.38 -21.27 16.82
C VAL A 88 21.71 -21.95 16.75
N SER A 89 21.88 -23.11 17.15
CA SER A 89 23.21 -23.73 17.04
C SER A 89 22.98 -25.10 16.38
N GLY A 90 24.03 -25.77 15.77
CA GLY A 90 23.69 -27.06 15.08
C GLY A 90 24.82 -27.69 14.31
N PHE A 91 24.74 -28.20 13.11
CA PHE A 91 25.97 -28.79 12.58
C PHE A 91 25.68 -28.87 11.14
N LEU A 92 26.79 -29.00 10.40
CA LEU A 92 26.74 -28.97 9.05
C LEU A 92 26.53 -30.14 8.28
N SER A 93 25.77 -29.99 7.20
CA SER A 93 25.47 -31.15 6.36
C SER A 93 25.34 -30.89 4.81
N GLN A 94 25.23 -31.88 3.84
CA GLN A 94 25.00 -31.51 2.53
C GLN A 94 24.15 -32.41 1.92
N ASP A 95 23.27 -31.87 1.11
CA ASP A 95 22.28 -32.52 0.42
C ASP A 95 21.82 -31.65 -0.75
N ILE A 96 20.92 -32.02 -1.59
CA ILE A 96 20.56 -31.16 -2.64
C ILE A 96 19.42 -30.33 -2.22
N ILE A 97 19.25 -29.04 -2.60
CA ILE A 97 18.31 -28.22 -2.14
C ILE A 97 17.78 -27.72 -3.37
N THR A 98 16.53 -27.58 -3.42
CA THR A 98 15.82 -27.13 -4.69
C THR A 98 15.16 -25.70 -4.47
N VAL A 99 15.56 -24.57 -5.05
CA VAL A 99 14.85 -23.43 -4.68
C VAL A 99 14.14 -23.11 -6.10
N GLY A 100 12.87 -22.96 -6.27
CA GLY A 100 12.34 -22.54 -7.43
C GLY A 100 12.58 -23.18 -8.65
N GLY A 101 12.57 -24.51 -8.58
CA GLY A 101 12.89 -25.26 -9.83
C GLY A 101 14.43 -25.26 -10.16
N ILE A 102 15.39 -24.74 -9.31
CA ILE A 102 16.78 -24.80 -9.60
C ILE A 102 17.32 -25.73 -8.55
N THR A 103 18.13 -26.77 -8.81
CA THR A 103 18.61 -27.62 -7.84
C THR A 103 20.04 -27.44 -7.61
N VAL A 104 20.54 -27.25 -6.36
CA VAL A 104 21.86 -27.09 -6.13
C VAL A 104 22.09 -27.97 -5.02
N THR A 105 23.47 -28.39 -4.71
CA THR A 105 23.91 -29.29 -3.53
C THR A 105 24.56 -28.26 -2.68
N GLN A 106 23.92 -28.13 -1.44
CA GLN A 106 24.38 -26.97 -0.59
C GLN A 106 24.69 -27.52 0.65
N MET A 107 25.60 -26.87 1.28
CA MET A 107 26.13 -27.25 2.65
C MET A 107 25.31 -26.54 3.61
N PHE A 108 24.52 -27.08 4.57
CA PHE A 108 23.58 -26.20 5.34
C PHE A 108 23.62 -26.70 6.68
N GLY A 109 22.95 -26.07 7.61
CA GLY A 109 23.02 -26.53 8.98
C GLY A 109 21.71 -27.06 9.34
N GLU A 110 21.88 -28.14 10.16
CA GLU A 110 20.95 -28.95 10.79
C GLU A 110 20.85 -28.39 12.17
N VAL A 111 19.87 -27.70 12.65
CA VAL A 111 19.92 -27.09 14.01
C VAL A 111 19.37 -28.01 14.94
N THR A 112 20.01 -28.28 16.07
CA THR A 112 19.67 -29.16 17.16
C THR A 112 19.45 -28.24 18.43
N GLU A 113 19.54 -26.95 18.34
CA GLU A 113 19.31 -26.06 19.42
C GLU A 113 18.70 -24.91 18.71
N MET A 114 17.54 -24.70 19.10
CA MET A 114 16.51 -23.83 18.66
C MET A 114 15.74 -23.22 19.75
N PRO A 115 16.13 -21.97 20.14
CA PRO A 115 15.50 -21.19 21.17
C PRO A 115 14.12 -20.84 20.98
N ALA A 116 13.29 -21.07 21.91
CA ALA A 116 11.77 -20.88 21.77
C ALA A 116 11.27 -19.60 21.58
N LEU A 117 12.06 -18.79 22.18
CA LEU A 117 11.68 -17.32 22.06
C LEU A 117 12.90 -16.95 21.17
N PRO A 118 12.86 -16.67 19.84
CA PRO A 118 11.72 -16.38 19.21
C PRO A 118 11.17 -17.40 18.45
N PHE A 119 11.88 -18.34 18.22
CA PHE A 119 11.45 -19.41 17.31
C PHE A 119 10.14 -20.17 17.51
N MET A 120 9.47 -20.24 18.64
CA MET A 120 8.20 -20.76 18.93
C MET A 120 7.07 -19.82 18.28
N LEU A 121 7.35 -18.73 17.81
CA LEU A 121 6.54 -17.81 17.22
C LEU A 121 6.79 -17.55 15.79
N ALA A 122 7.66 -18.36 15.18
CA ALA A 122 7.94 -18.25 13.85
C ALA A 122 7.12 -19.09 13.01
N GLU A 123 6.41 -18.69 12.04
CA GLU A 123 5.75 -19.70 11.22
C GLU A 123 6.72 -20.43 10.27
N PHE A 124 7.89 -20.02 9.99
CA PHE A 124 8.73 -20.61 9.13
C PHE A 124 9.56 -21.60 9.89
N ASP A 125 10.22 -22.52 9.22
CA ASP A 125 11.12 -23.54 9.67
C ASP A 125 12.57 -23.13 9.77
N GLY A 126 13.24 -22.43 8.79
CA GLY A 126 14.58 -21.94 8.88
C GLY A 126 14.75 -20.79 8.04
N VAL A 127 15.90 -20.58 7.63
CA VAL A 127 16.36 -19.53 6.93
C VAL A 127 17.34 -19.84 5.69
N VAL A 128 17.26 -19.04 4.58
CA VAL A 128 18.01 -19.10 3.45
C VAL A 128 18.78 -17.71 3.30
N GLY A 129 20.00 -17.49 3.74
CA GLY A 129 20.71 -16.32 3.57
C GLY A 129 21.11 -16.16 2.17
N MET A 130 20.75 -15.04 1.82
CA MET A 130 20.96 -14.42 0.48
C MET A 130 22.12 -13.44 0.38
N GLY A 131 22.89 -13.40 1.52
CA GLY A 131 24.10 -12.62 1.83
C GLY A 131 25.41 -13.03 1.13
N PHE A 132 26.54 -12.48 1.37
CA PHE A 132 27.65 -12.91 0.66
C PHE A 132 28.62 -13.80 1.40
N ILE A 133 29.57 -14.46 0.74
CA ILE A 133 30.53 -15.44 1.49
C ILE A 133 31.23 -14.87 2.66
N GLU A 134 31.30 -13.65 2.53
CA GLU A 134 31.90 -12.91 3.47
C GLU A 134 31.21 -13.05 4.86
N GLN A 135 29.90 -13.04 4.93
CA GLN A 135 29.24 -13.00 6.23
C GLN A 135 28.68 -14.37 6.73
N ALA A 136 29.23 -15.36 6.07
CA ALA A 136 28.84 -16.81 6.18
C ALA A 136 29.66 -17.42 7.20
N ILE A 137 29.07 -17.73 8.27
CA ILE A 137 29.74 -18.32 9.37
C ILE A 137 30.14 -19.61 8.87
N GLY A 138 31.42 -19.92 9.29
CA GLY A 138 32.02 -21.24 8.74
C GLY A 138 32.57 -21.22 7.28
N ARG A 139 32.48 -20.11 6.63
CA ARG A 139 33.00 -19.69 5.38
C ARG A 139 32.51 -20.68 4.47
N VAL A 140 31.25 -21.13 4.60
CA VAL A 140 30.42 -22.18 3.74
C VAL A 140 29.85 -21.52 2.57
N THR A 141 30.10 -21.94 1.36
CA THR A 141 29.40 -21.13 0.12
C THR A 141 27.90 -21.02 0.21
N PRO A 142 27.41 -19.92 -0.17
CA PRO A 142 26.02 -19.75 -0.12
C PRO A 142 25.25 -20.07 -1.28
N ILE A 143 23.97 -20.41 -1.10
CA ILE A 143 23.14 -20.70 -2.24
C ILE A 143 23.29 -19.75 -3.41
N PHE A 144 23.44 -18.51 -3.18
CA PHE A 144 23.47 -17.81 -4.36
C PHE A 144 24.74 -18.02 -5.14
N ASP A 145 25.80 -18.16 -4.36
CA ASP A 145 26.92 -18.31 -5.15
C ASP A 145 26.91 -19.58 -5.86
N ASN A 146 26.34 -20.53 -5.32
CA ASN A 146 26.31 -21.91 -5.99
C ASN A 146 25.42 -21.83 -7.21
N ILE A 147 24.17 -21.28 -7.08
CA ILE A 147 23.26 -21.20 -8.27
C ILE A 147 23.94 -20.44 -9.37
N ILE A 148 24.65 -19.41 -9.05
CA ILE A 148 25.31 -18.79 -10.10
C ILE A 148 26.48 -19.68 -10.56
N SER A 149 26.84 -20.69 -9.95
CA SER A 149 27.83 -21.43 -10.60
C SER A 149 27.26 -22.19 -11.68
N GLN A 150 25.99 -22.52 -11.48
CA GLN A 150 25.34 -23.57 -12.29
C GLN A 150 25.26 -23.16 -13.76
N GLY A 151 25.57 -21.88 -14.00
CA GLY A 151 25.58 -21.25 -15.33
C GLY A 151 24.09 -21.42 -15.79
N VAL A 152 23.21 -20.40 -15.48
CA VAL A 152 21.81 -20.76 -15.78
C VAL A 152 20.89 -19.54 -15.74
N LEU A 153 21.27 -18.58 -15.01
CA LEU A 153 20.47 -17.42 -14.83
C LEU A 153 20.78 -16.41 -15.90
N LYS A 154 19.73 -15.72 -16.30
CA LYS A 154 20.32 -14.81 -17.21
C LYS A 154 21.04 -13.61 -16.48
N GLU A 155 20.82 -13.41 -15.15
CA GLU A 155 21.53 -12.37 -14.60
C GLU A 155 21.84 -12.57 -13.16
N ASP A 156 22.92 -12.09 -12.69
CA ASP A 156 23.19 -12.27 -11.40
C ASP A 156 22.59 -11.28 -10.71
N VAL A 157 21.30 -11.38 -10.68
CA VAL A 157 20.37 -10.67 -9.85
C VAL A 157 19.22 -11.42 -9.20
N PHE A 158 18.88 -11.27 -7.93
CA PHE A 158 17.57 -11.78 -7.40
C PHE A 158 16.60 -10.52 -7.00
N SER A 159 15.26 -10.56 -7.07
CA SER A 159 14.53 -9.29 -6.66
C SER A 159 13.47 -9.85 -5.72
N PHE A 160 12.85 -9.06 -4.72
CA PHE A 160 11.81 -9.30 -3.81
C PHE A 160 10.66 -8.36 -4.07
N TYR A 161 9.50 -8.87 -3.98
CA TYR A 161 8.21 -8.20 -3.98
C TYR A 161 7.59 -8.65 -2.62
N TYR A 162 7.24 -7.81 -1.60
CA TYR A 162 6.57 -8.15 -0.47
C TYR A 162 5.09 -7.53 -0.60
N ASN A 163 3.97 -8.24 -0.37
CA ASN A 163 2.76 -7.67 -0.52
C ASN A 163 2.19 -7.34 0.68
N ARG A 164 1.15 -6.62 0.51
CA ARG A 164 0.41 -6.16 1.78
C ARG A 164 -0.39 -7.23 2.25
N ASP A 165 -1.38 -7.04 3.06
CA ASP A 165 -1.93 -8.41 3.29
C ASP A 165 -3.39 -8.68 3.14
N SER A 166 -3.80 -9.99 2.90
CA SER A 166 -5.23 -10.74 2.66
C SER A 166 -5.75 -10.40 1.23
N GLU A 167 -5.14 -9.04 0.93
N SER A 171 -4.82 -13.04 -3.30
CA SER A 171 -3.72 -13.97 -3.95
C SER A 171 -2.23 -13.77 -3.18
N LEU A 172 -1.12 -13.51 -4.02
CA LEU A 172 0.21 -13.41 -3.81
C LEU A 172 0.63 -12.75 -2.52
N GLY A 173 1.52 -13.39 -1.65
CA GLY A 173 2.05 -12.81 -0.42
C GLY A 173 3.31 -12.19 -0.70
N GLY A 174 4.01 -12.54 -1.73
CA GLY A 174 5.28 -12.00 -2.18
C GLY A 174 5.79 -12.79 -3.30
N GLN A 175 7.05 -12.50 -3.67
CA GLN A 175 7.71 -13.19 -4.79
C GLN A 175 9.13 -12.83 -5.02
N ILE A 176 10.07 -13.74 -5.18
CA ILE A 176 11.51 -13.51 -5.48
C ILE A 176 11.69 -13.98 -6.85
N VAL A 177 12.57 -13.41 -7.48
CA VAL A 177 12.83 -13.86 -8.75
C VAL A 177 14.32 -13.87 -8.79
N LEU A 178 14.88 -14.97 -9.25
CA LEU A 178 16.19 -15.30 -9.42
C LEU A 178 16.43 -15.14 -10.82
N GLY A 179 17.51 -14.52 -11.14
CA GLY A 179 18.03 -14.21 -12.43
C GLY A 179 17.30 -13.01 -13.09
N GLY A 180 16.65 -12.04 -12.28
CA GLY A 180 15.77 -11.00 -12.86
C GLY A 180 14.84 -10.09 -11.93
N SER A 181 13.71 -9.70 -12.47
CA SER A 181 12.77 -8.78 -11.82
C SER A 181 11.54 -8.76 -12.43
N ASP A 182 10.36 -9.09 -11.92
CA ASP A 182 9.07 -9.02 -12.69
C ASP A 182 8.57 -7.57 -12.73
N PRO A 183 8.52 -7.01 -13.89
CA PRO A 183 8.07 -5.64 -14.18
C PRO A 183 6.51 -5.48 -14.08
N GLN A 184 5.96 -6.45 -13.50
CA GLN A 184 4.59 -6.42 -13.38
C GLN A 184 4.23 -6.12 -12.03
N HIS A 185 5.20 -5.56 -11.26
CA HIS A 185 5.04 -5.34 -9.85
C HIS A 185 5.88 -4.17 -9.23
N TYR A 186 6.35 -3.34 -10.15
CA TYR A 186 7.05 -2.17 -9.96
C TYR A 186 6.71 -1.12 -11.09
N GLU A 187 7.10 0.17 -11.03
CA GLU A 187 6.78 1.12 -11.95
C GLU A 187 7.72 2.31 -11.73
N GLY A 188 7.87 2.85 -12.83
CA GLY A 188 8.75 3.97 -12.96
C GLY A 188 10.21 3.42 -13.14
N ASN A 189 11.18 4.31 -12.85
CA ASN A 189 12.20 3.35 -13.03
C ASN A 189 12.83 2.78 -11.79
N PHE A 190 13.97 1.96 -11.93
CA PHE A 190 14.66 1.48 -10.77
C PHE A 190 15.70 2.55 -10.63
N HIS A 191 16.31 2.67 -9.46
CA HIS A 191 17.29 3.49 -8.96
C HIS A 191 18.22 2.71 -7.97
N TYR A 192 19.39 2.64 -8.43
CA TYR A 192 20.35 1.95 -7.75
C TYR A 192 21.25 2.60 -6.90
N ILE A 193 21.68 2.07 -5.66
CA ILE A 193 22.65 2.70 -4.78
C ILE A 193 23.66 1.63 -4.77
N ASN A 194 24.82 1.99 -5.18
CA ASN A 194 26.02 1.06 -5.11
C ASN A 194 26.43 0.61 -3.65
N LEU A 195 27.01 -0.67 -3.52
CA LEU A 195 27.27 -1.14 -2.17
C LEU A 195 28.38 -0.48 -1.69
N ILE A 196 28.34 0.02 -0.56
CA ILE A 196 29.25 0.76 0.34
C ILE A 196 30.49 -0.15 0.40
N LYS A 197 30.93 -0.94 1.38
CA LYS A 197 32.07 -1.98 1.08
C LYS A 197 31.40 -3.12 0.19
N THR A 198 31.97 -4.23 0.12
CA THR A 198 31.16 -5.40 -0.58
C THR A 198 31.39 -6.80 0.37
N GLY A 199 30.61 -7.84 0.06
CA GLY A 199 30.53 -9.02 0.77
C GLY A 199 29.50 -8.64 1.79
N VAL A 200 28.60 -7.58 1.73
CA VAL A 200 27.50 -7.11 2.73
C VAL A 200 26.41 -6.07 2.06
N TRP A 201 25.02 -6.39 2.13
CA TRP A 201 24.04 -5.54 1.48
C TRP A 201 23.85 -4.20 2.11
N GLN A 202 24.90 -3.46 2.43
CA GLN A 202 24.85 -2.17 3.18
C GLN A 202 24.82 -0.88 2.39
N ILE A 203 23.86 0.09 2.61
CA ILE A 203 24.12 1.12 1.60
C ILE A 203 24.29 2.40 2.26
N GLN A 204 24.81 3.42 1.69
CA GLN A 204 24.90 4.70 2.36
C GLN A 204 23.64 5.32 2.43
N MET A 205 23.43 5.64 3.66
CA MET A 205 22.19 6.36 3.82
C MET A 205 22.31 7.84 4.28
N LYS A 206 21.93 8.77 3.45
CA LYS A 206 22.02 10.29 3.83
C LYS A 206 21.21 11.08 4.71
N GLY A 207 20.18 10.63 5.33
CA GLY A 207 19.49 11.39 6.34
C GLY A 207 18.00 10.85 6.70
N VAL A 208 17.34 10.94 7.83
CA VAL A 208 16.07 10.55 7.99
C VAL A 208 15.38 11.89 8.40
N SER A 209 14.18 12.12 7.76
CA SER A 209 13.34 13.23 7.96
C SER A 209 12.04 12.71 8.66
N VAL A 210 11.58 13.24 9.74
CA VAL A 210 10.43 12.83 10.21
C VAL A 210 9.65 14.04 9.97
N GLY A 211 8.60 14.06 9.24
CA GLY A 211 7.90 15.26 9.03
C GLY A 211 8.69 15.89 7.96
N SER A 212 9.08 16.92 8.34
CA SER A 212 9.71 17.68 7.37
C SER A 212 11.14 18.02 7.60
N SER A 213 11.81 17.53 8.84
CA SER A 213 13.20 17.93 8.88
C SER A 213 14.07 16.76 9.31
N THR A 214 15.40 16.85 8.95
CA THR A 214 16.38 15.84 9.36
C THR A 214 16.49 15.70 10.82
N LEU A 215 15.60 15.09 11.41
CA LEU A 215 15.88 14.98 12.76
C LEU A 215 17.21 14.14 13.06
N LEU A 216 17.42 13.20 12.12
CA LEU A 216 18.44 12.18 12.35
C LEU A 216 19.01 11.70 11.13
N CYS A 217 20.02 10.94 11.20
CA CYS A 217 20.92 10.35 10.23
C CYS A 217 21.81 11.36 9.60
N GLU A 218 21.40 12.53 9.74
CA GLU A 218 22.15 13.72 9.36
C GLU A 218 23.65 13.83 8.84
N ASP A 219 24.65 13.08 9.51
CA ASP A 219 26.05 13.29 8.62
C ASP A 219 26.35 12.06 7.71
N GLY A 220 25.26 11.30 7.24
CA GLY A 220 25.36 9.93 6.55
C GLY A 220 25.40 8.86 7.61
N CYS A 221 24.67 7.84 7.31
CA CYS A 221 24.67 6.64 8.04
C CYS A 221 24.60 5.34 7.15
N LEU A 222 24.51 4.19 7.93
CA LEU A 222 24.33 2.87 7.15
C LEU A 222 22.86 2.28 7.26
N ALA A 223 22.44 1.70 6.22
CA ALA A 223 21.16 1.20 5.98
C ALA A 223 21.41 -0.21 5.46
N LEU A 224 21.16 -1.24 6.23
CA LEU A 224 21.38 -2.51 5.65
C LEU A 224 20.06 -2.73 5.09
N VAL A 225 19.85 -3.26 3.93
CA VAL A 225 18.56 -3.56 3.25
C VAL A 225 18.42 -5.04 3.56
N ASP A 226 17.44 -5.43 4.41
CA ASP A 226 17.27 -6.83 4.85
C ASP A 226 15.95 -7.37 4.74
N THR A 227 15.75 -8.29 3.88
CA THR A 227 14.51 -8.95 3.60
C THR A 227 13.94 -9.86 4.64
N GLY A 228 14.75 -10.30 5.50
CA GLY A 228 14.50 -11.21 6.50
C GLY A 228 14.15 -10.65 7.83
N ALA A 229 13.99 -9.41 7.85
CA ALA A 229 13.55 -8.44 8.87
C ALA A 229 12.17 -7.82 8.58
N SER A 230 11.43 -7.72 9.54
CA SER A 230 10.17 -7.28 9.43
C SER A 230 9.96 -5.90 9.59
N TYR A 231 10.81 -5.21 10.24
CA TYR A 231 10.43 -3.80 10.67
C TYR A 231 11.50 -2.91 10.12
N ILE A 232 11.35 -1.67 10.18
CA ILE A 232 12.43 -0.84 9.75
C ILE A 232 13.03 -0.45 11.12
N SER A 233 14.39 -0.58 11.37
CA SER A 233 14.93 -0.27 12.71
C SER A 233 16.22 0.46 12.65
N GLY A 234 16.37 1.05 13.76
CA GLY A 234 17.60 1.74 13.89
C GLY A 234 18.22 1.55 15.31
N SER A 235 19.33 2.27 15.55
CA SER A 235 19.86 2.11 16.93
C SER A 235 18.90 2.63 17.96
N THR A 236 19.08 2.14 19.17
CA THR A 236 18.22 2.54 20.16
C THR A 236 18.15 4.06 20.34
N SER A 237 19.30 4.53 19.97
CA SER A 237 19.49 5.97 20.21
C SER A 237 19.00 6.81 19.26
N SER A 238 18.74 6.44 18.05
CA SER A 238 18.17 7.40 17.21
C SER A 238 16.77 7.02 17.11
N ILE A 239 16.46 5.77 17.40
CA ILE A 239 15.02 5.11 17.45
C ILE A 239 14.24 5.97 18.49
N GLU A 240 14.85 5.91 19.68
CA GLU A 240 14.36 6.68 20.77
C GLU A 240 13.97 8.14 20.31
N LYS A 241 14.88 8.73 19.62
CA LYS A 241 14.65 10.09 19.25
C LYS A 241 13.59 10.34 18.30
N LEU A 242 13.51 9.54 17.12
CA LEU A 242 12.55 9.56 16.14
C LEU A 242 11.28 9.38 16.97
N MET A 243 11.30 8.36 17.70
CA MET A 243 10.09 8.07 18.57
C MET A 243 9.42 9.25 19.34
N GLU A 244 10.26 9.89 19.95
CA GLU A 244 9.98 11.08 20.72
C GLU A 244 9.35 12.13 19.97
N ALA A 245 9.77 12.30 18.72
CA ALA A 245 9.16 13.23 17.83
C ALA A 245 7.77 12.67 17.70
N LEU A 246 7.48 11.85 16.62
CA LEU A 246 6.24 11.10 16.37
C LEU A 246 5.47 10.98 17.63
N GLY A 247 5.98 10.84 18.81
CA GLY A 247 4.90 10.93 19.86
C GLY A 247 4.49 9.57 20.50
N ALA A 248 5.35 8.45 20.28
CA ALA A 248 4.98 6.98 20.80
C ALA A 248 5.72 6.60 22.07
N LYS A 249 5.09 5.67 22.76
CA LYS A 249 5.63 5.02 24.09
C LYS A 249 6.38 3.72 23.85
N LYS A 250 6.90 3.09 24.98
CA LYS A 250 7.63 1.90 24.69
C LYS A 250 7.26 0.39 24.95
N ARG A 251 6.16 -0.03 25.50
CA ARG A 251 5.58 -1.39 25.62
C ARG A 251 6.65 -2.72 25.65
N LEU A 252 7.99 -2.43 25.92
CA LEU A 252 9.07 -3.40 26.07
C LEU A 252 9.69 -3.61 24.82
N PHE A 253 8.98 -4.05 23.86
CA PHE A 253 9.70 -4.29 22.61
C PHE A 253 9.16 -3.33 21.37
N ASP A 254 8.03 -2.45 21.49
CA ASP A 254 7.76 -1.78 20.30
C ASP A 254 7.21 -0.49 20.61
N TYR A 255 7.12 0.58 19.71
CA TYR A 255 6.55 1.74 20.28
C TYR A 255 5.08 1.77 20.00
N VAL A 256 4.27 2.73 20.34
CA VAL A 256 2.94 2.50 19.92
C VAL A 256 2.36 3.85 20.09
N VAL A 257 1.22 4.03 19.40
CA VAL A 257 0.60 5.36 19.51
C VAL A 257 -0.79 5.07 19.75
N LYS A 258 -1.53 6.11 20.23
CA LYS A 258 -2.91 5.83 20.50
C LYS A 258 -3.58 5.79 19.18
N CYS A 259 -4.43 4.90 18.95
CA CYS A 259 -4.89 4.99 17.57
C CYS A 259 -5.71 6.04 17.06
N ASN A 260 -6.23 7.02 17.81
CA ASN A 260 -7.05 8.00 17.20
C ASN A 260 -6.05 8.77 16.45
N GLU A 261 -4.81 9.07 16.97
CA GLU A 261 -3.59 9.92 16.69
C GLU A 261 -3.00 9.37 15.36
N GLY A 262 -3.23 8.02 15.47
CA GLY A 262 -2.74 7.15 14.35
C GLY A 262 -2.52 7.80 12.91
N PRO A 263 -3.66 8.04 12.25
CA PRO A 263 -3.68 8.56 10.79
C PRO A 263 -3.26 9.92 10.57
N THR A 264 -2.32 10.30 11.39
CA THR A 264 -1.82 11.61 11.48
C THR A 264 -0.32 11.86 11.86
N LEU A 265 0.43 10.80 12.11
CA LEU A 265 1.76 10.83 12.43
C LEU A 265 2.31 11.37 11.12
N PRO A 266 3.41 12.12 11.06
CA PRO A 266 3.89 12.65 9.87
C PRO A 266 4.51 11.57 9.01
N ASP A 267 5.11 11.86 7.88
CA ASP A 267 5.75 10.98 6.99
C ASP A 267 7.22 10.77 7.36
N ILE A 268 8.06 9.83 7.06
CA ILE A 268 9.37 9.68 7.41
C ILE A 268 9.90 9.41 6.11
N SER A 269 11.09 9.94 5.97
CA SER A 269 11.82 9.90 4.71
C SER A 269 13.23 9.40 4.93
N PHE A 270 13.71 8.71 3.94
CA PHE A 270 14.88 7.99 3.84
C PHE A 270 15.60 8.43 2.57
N HIS A 271 16.76 8.94 2.91
CA HIS A 271 17.45 9.61 1.76
C HIS A 271 18.53 8.79 1.26
N LEU A 272 18.23 8.11 0.11
CA LEU A 272 19.18 7.17 -0.43
C LEU A 272 19.46 7.71 -1.87
N GLY A 273 20.76 7.80 -2.29
CA GLY A 273 21.14 8.29 -3.50
C GLY A 273 20.28 9.54 -4.29
N GLY A 274 20.18 10.74 -3.61
CA GLY A 274 19.48 11.76 -4.36
C GLY A 274 17.96 11.48 -4.63
N LYS A 275 17.45 10.31 -3.93
CA LYS A 275 16.07 10.13 -4.02
C LYS A 275 15.63 10.11 -2.61
N GLU A 276 14.34 10.28 -2.49
CA GLU A 276 13.78 10.25 -1.18
C GLU A 276 12.64 9.31 -1.09
N TYR A 277 12.86 8.24 -0.05
CA TYR A 277 11.96 7.13 0.11
C TYR A 277 11.01 7.48 1.09
N THR A 278 9.82 7.85 0.82
CA THR A 278 8.97 8.30 1.98
C THR A 278 7.89 7.38 2.34
N LEU A 279 7.67 7.33 3.50
CA LEU A 279 6.74 6.44 3.96
C LEU A 279 5.79 7.27 4.58
N THR A 280 4.56 7.20 4.29
CA THR A 280 3.27 7.83 4.77
C THR A 280 2.91 6.95 5.86
N SER A 281 2.35 7.59 6.71
CA SER A 281 1.93 7.20 8.05
C SER A 281 1.26 5.88 8.05
N ALA A 282 0.55 5.47 7.04
CA ALA A 282 -0.08 4.27 7.04
C ALA A 282 0.86 3.24 6.66
N ASP A 283 1.89 3.50 5.94
CA ASP A 283 2.76 2.50 5.62
C ASP A 283 3.52 2.06 6.90
N TYR A 284 3.32 2.80 8.06
CA TYR A 284 4.16 2.49 9.22
C TYR A 284 3.58 2.14 10.51
N VAL A 285 2.40 2.34 10.53
CA VAL A 285 1.63 2.13 11.71
C VAL A 285 0.78 0.92 11.40
N PHE A 286 0.43 0.08 12.39
CA PHE A 286 -0.38 -1.08 12.11
C PHE A 286 -1.68 -0.71 12.65
N GLN A 287 -2.50 0.03 11.89
CA GLN A 287 -3.83 0.55 12.29
C GLN A 287 -4.92 -0.46 12.40
N GLU A 288 -5.27 -1.16 13.55
CA GLU A 288 -6.48 -2.11 13.56
C GLU A 288 -7.47 -1.48 14.51
N SER A 289 -7.60 -0.10 14.42
CA SER A 289 -8.50 0.69 15.25
C SER A 289 -8.36 2.15 15.00
N TYR A 290 -9.35 2.94 15.38
CA TYR A 290 -9.03 4.35 15.25
C TYR A 290 -9.41 5.04 16.50
N SER A 291 -9.47 4.11 17.40
CA SER A 291 -9.92 4.53 18.68
C SER A 291 -9.17 5.22 19.79
N SER A 292 -9.55 6.45 20.25
CA SER A 292 -8.88 7.04 21.43
C SER A 292 -8.40 6.01 22.51
N LYS A 293 -9.33 4.89 22.80
CA LYS A 293 -8.83 3.91 23.90
C LYS A 293 -8.23 2.57 23.41
N LYS A 294 -7.04 2.41 22.88
CA LYS A 294 -6.49 1.23 22.31
C LYS A 294 -5.27 1.86 21.75
N LEU A 295 -4.26 0.94 21.72
CA LEU A 295 -2.82 1.14 21.35
C LEU A 295 -2.37 0.51 20.01
N CYS A 296 -1.69 1.27 19.08
CA CYS A 296 -1.40 0.76 17.84
C CYS A 296 -0.02 0.69 17.67
N THR A 297 0.50 -0.42 17.28
CA THR A 297 1.99 -0.29 17.36
C THR A 297 2.53 0.10 15.97
N LEU A 298 3.71 0.64 15.85
CA LEU A 298 4.34 0.98 14.65
C LEU A 298 5.39 -0.06 14.19
N ALA A 299 5.68 -0.01 12.91
CA ALA A 299 6.57 -0.90 12.09
C ALA A 299 8.03 -0.53 11.88
N ILE A 300 8.64 0.10 12.86
CA ILE A 300 9.92 0.64 13.06
C ILE A 300 10.30 0.22 14.41
N HIS A 301 11.47 -0.14 14.65
CA HIS A 301 11.93 -0.57 15.96
C HIS A 301 13.33 -0.31 16.42
N ALA A 302 13.62 -0.68 17.73
CA ALA A 302 15.05 -0.46 17.93
C ALA A 302 15.76 -1.73 17.73
N MET A 303 16.90 -1.68 17.13
CA MET A 303 17.67 -2.95 17.07
C MET A 303 19.05 -2.44 17.07
N ASP A 304 19.91 -3.01 17.95
CA ASP A 304 21.39 -2.66 17.81
C ASP A 304 22.16 -3.90 17.12
N ILE A 305 22.80 -3.81 15.90
CA ILE A 305 23.50 -4.86 15.27
C ILE A 305 24.89 -4.21 15.37
N PRO A 306 25.71 -5.05 15.97
CA PRO A 306 27.20 -4.83 16.35
C PRO A 306 28.06 -4.72 15.25
N PRO A 307 29.06 -4.02 15.51
CA PRO A 307 30.13 -3.62 14.58
C PRO A 307 30.61 -4.58 13.47
N PRO A 308 30.09 -5.79 13.74
CA PRO A 308 30.39 -6.64 12.55
C PRO A 308 29.88 -5.59 11.38
N THR A 309 28.68 -5.46 11.48
CA THR A 309 28.16 -4.61 10.38
C THR A 309 27.44 -3.53 10.92
N GLY A 310 26.78 -3.63 12.07
CA GLY A 310 26.05 -2.56 12.55
C GLY A 310 27.12 -1.83 13.29
N PRO A 311 26.79 -0.61 13.87
CA PRO A 311 25.44 -0.01 13.90
C PRO A 311 25.00 0.25 12.61
N THR A 312 23.78 -0.16 12.37
CA THR A 312 23.26 0.11 11.02
C THR A 312 21.67 0.24 11.14
N TRP A 313 21.13 0.98 10.27
CA TRP A 313 19.71 0.93 10.22
C TRP A 313 19.45 -0.24 9.33
N ALA A 314 18.40 -0.91 9.59
CA ALA A 314 18.11 -2.07 8.83
C ALA A 314 16.89 -1.79 8.03
N LEU A 315 16.76 -1.86 6.68
CA LEU A 315 15.46 -1.61 6.13
C LEU A 315 14.65 -2.95 5.88
N GLY A 316 13.77 -3.53 6.74
CA GLY A 316 13.15 -4.72 6.41
C GLY A 316 11.93 -4.61 5.70
N ALA A 317 11.00 -5.60 5.89
CA ALA A 317 9.67 -5.64 5.21
C ALA A 317 8.95 -4.29 5.04
N THR A 318 8.98 -3.41 5.97
CA THR A 318 8.22 -2.08 6.00
C THR A 318 8.32 -1.27 4.79
N PHE A 319 9.62 -1.33 4.46
CA PHE A 319 10.24 -0.75 3.41
C PHE A 319 10.12 -1.47 2.13
N ILE A 320 10.48 -2.65 1.88
CA ILE A 320 10.36 -3.37 0.68
C ILE A 320 9.04 -3.53 0.22
N ARG A 321 8.17 -3.31 1.03
CA ARG A 321 6.77 -3.49 0.66
C ARG A 321 6.13 -2.45 -0.08
N LYS A 322 6.83 -1.31 -0.09
CA LYS A 322 6.60 -0.13 -0.77
C LYS A 322 7.52 -0.06 -2.00
N PHE A 323 8.78 -0.46 -1.87
CA PHE A 323 9.72 -0.41 -2.95
C PHE A 323 10.32 -1.76 -3.23
N TYR A 324 9.92 -2.19 -4.32
CA TYR A 324 10.21 -3.49 -4.97
C TYR A 324 11.71 -3.47 -4.93
N THR A 325 12.50 -4.43 -4.42
CA THR A 325 13.91 -4.23 -4.40
C THR A 325 14.68 -5.26 -5.24
N GLU A 326 15.78 -5.01 -5.93
CA GLU A 326 16.44 -5.98 -6.72
C GLU A 326 17.86 -5.97 -6.21
N PHE A 327 18.46 -7.10 -5.95
CA PHE A 327 19.63 -6.98 -5.43
C PHE A 327 20.73 -7.27 -6.51
N ASP A 328 21.71 -6.40 -7.01
CA ASP A 328 22.63 -6.67 -8.05
C ASP A 328 23.98 -7.19 -7.62
N ARG A 329 24.15 -8.34 -8.21
CA ARG A 329 25.33 -9.09 -8.09
C ARG A 329 26.38 -8.75 -9.08
N ARG A 330 25.87 -8.50 -10.31
CA ARG A 330 26.79 -8.35 -11.30
C ARG A 330 27.50 -7.23 -11.06
N ASN A 331 26.72 -6.28 -10.43
CA ASN A 331 27.29 -4.95 -10.26
C ASN A 331 27.29 -4.45 -8.86
N ASN A 332 27.06 -5.31 -7.88
CA ASN A 332 27.10 -4.80 -6.63
C ASN A 332 26.34 -3.64 -6.19
N ARG A 333 25.21 -3.57 -6.53
CA ARG A 333 24.64 -2.35 -6.01
C ARG A 333 23.32 -2.85 -5.70
N ILE A 334 22.31 -2.01 -5.25
CA ILE A 334 20.84 -2.31 -4.93
C ILE A 334 19.84 -1.36 -5.76
N GLY A 335 18.87 -1.95 -6.46
CA GLY A 335 18.20 -0.83 -6.92
C GLY A 335 16.77 -0.67 -6.36
N PHE A 336 16.21 0.53 -6.20
CA PHE A 336 14.72 0.59 -5.74
C PHE A 336 13.72 1.07 -6.90
N ALA A 337 12.46 0.76 -6.84
CA ALA A 337 11.49 1.15 -7.85
C ALA A 337 10.32 0.95 -7.00
N LEU A 338 9.10 1.55 -7.30
CA LEU A 338 7.88 1.55 -6.66
C LEU A 338 6.99 0.31 -6.94
N ALA A 339 6.65 -0.51 -5.88
CA ALA A 339 5.91 -1.60 -5.97
C ALA A 339 4.50 -1.20 -6.44
N ARG A 340 3.93 -2.09 -7.17
CA ARG A 340 2.65 -1.76 -7.61
C ARG A 340 2.13 -3.02 -7.29
N ASN B 5 3.78 1.39 -23.96
CA ASN B 5 2.88 0.21 -23.73
C ASN B 5 2.52 0.39 -22.16
N THR B 6 2.30 1.76 -21.79
CA THR B 6 1.98 1.83 -20.23
C THR B 6 0.57 1.80 -19.53
N THR B 7 0.75 1.61 -18.23
CA THR B 7 -0.25 1.61 -17.24
C THR B 7 0.38 2.11 -15.94
N SER B 8 -0.43 2.77 -15.08
CA SER B 8 0.11 3.28 -13.82
C SER B 8 -0.94 3.08 -12.68
N SER B 9 -0.78 2.17 -11.68
CA SER B 9 -1.68 2.08 -10.64
C SER B 9 -1.09 2.96 -9.52
N VAL B 10 -1.99 3.46 -8.70
CA VAL B 10 -1.73 4.19 -7.52
C VAL B 10 -2.49 3.49 -6.37
N ILE B 11 -1.90 3.20 -5.28
CA ILE B 11 -2.50 2.60 -4.11
C ILE B 11 -3.17 3.56 -3.17
N LEU B 12 -4.38 3.26 -2.79
CA LEU B 12 -5.24 3.94 -2.01
C LEU B 12 -5.28 3.43 -0.53
N THR B 13 -5.61 4.45 0.41
CA THR B 13 -5.85 4.31 1.84
C THR B 13 -7.28 4.31 2.16
N ASN B 14 -7.91 3.50 3.01
CA ASN B 14 -9.26 3.71 3.20
C ASN B 14 -9.43 4.25 4.65
N TYR B 15 -9.95 5.47 4.95
CA TYR B 15 -10.16 5.86 6.22
C TYR B 15 -11.60 5.64 6.47
N MET B 16 -11.99 4.68 7.18
CA MET B 16 -13.37 4.50 7.58
C MET B 16 -14.43 4.25 6.52
N ASP B 17 -13.98 3.86 5.33
CA ASP B 17 -14.83 3.68 4.34
C ASP B 17 -15.42 4.97 3.87
N THR B 18 -15.30 6.00 4.62
CA THR B 18 -15.79 7.31 4.22
C THR B 18 -14.69 8.09 3.40
N GLN B 19 -13.33 7.92 3.34
CA GLN B 19 -12.47 8.80 2.41
C GLN B 19 -11.45 7.78 1.98
N TYR B 20 -10.88 7.79 0.73
CA TYR B 20 -9.87 6.97 0.04
C TYR B 20 -9.02 7.94 -0.81
N TYR B 21 -7.80 8.00 -0.45
CA TYR B 21 -6.85 9.00 -0.96
C TYR B 21 -5.63 8.37 -1.29
N GLY B 22 -4.82 8.93 -1.97
CA GLY B 22 -3.65 8.20 -2.19
C GLY B 22 -2.60 9.23 -2.34
N GLU B 23 -1.42 9.05 -2.98
CA GLU B 23 -0.35 10.10 -3.09
C GLU B 23 0.23 10.54 -4.33
N ILE B 24 0.68 11.78 -4.20
CA ILE B 24 1.24 12.55 -5.28
C ILE B 24 2.48 13.39 -4.89
N GLY B 25 3.21 13.81 -5.89
CA GLY B 25 4.34 14.58 -5.62
C GLY B 25 4.16 15.64 -6.59
N ILE B 26 4.26 16.81 -5.99
CA ILE B 26 4.34 17.99 -6.64
C ILE B 26 5.83 18.54 -6.48
N GLY B 27 6.58 18.91 -7.50
CA GLY B 27 7.84 19.55 -7.20
C GLY B 27 9.08 18.79 -7.48
N THR B 28 10.29 19.44 -7.29
CA THR B 28 11.58 18.70 -7.58
C THR B 28 12.59 19.18 -6.67
N PRO B 29 13.04 18.32 -5.77
CA PRO B 29 12.60 16.86 -5.57
C PRO B 29 11.13 16.91 -5.06
N PRO B 30 10.36 15.85 -5.26
CA PRO B 30 8.97 15.88 -5.00
C PRO B 30 8.63 15.97 -3.68
N GLN B 31 7.69 16.85 -3.36
CA GLN B 31 7.03 17.12 -2.00
C GLN B 31 5.79 16.22 -2.07
N THR B 32 5.65 15.24 -1.11
CA THR B 32 4.56 14.29 -1.32
C THR B 32 3.51 14.59 -0.36
N PHE B 33 2.22 14.42 -0.77
CA PHE B 33 0.86 14.68 -0.14
C PHE B 33 -0.13 13.54 -0.54
N LYS B 34 -1.19 13.32 0.40
CA LYS B 34 -2.38 12.45 0.43
C LYS B 34 -3.34 13.28 -0.41
N VAL B 35 -3.90 12.73 -1.59
CA VAL B 35 -4.86 13.32 -2.43
C VAL B 35 -6.01 12.30 -2.57
N VAL B 36 -7.30 12.78 -2.80
CA VAL B 36 -8.38 12.09 -3.19
C VAL B 36 -8.52 12.31 -4.69
N PHE B 37 -8.74 11.23 -5.48
CA PHE B 37 -8.92 11.29 -6.83
C PHE B 37 -10.37 11.34 -7.06
N ASP B 38 -10.94 12.44 -7.58
CA ASP B 38 -12.50 12.66 -7.90
C ASP B 38 -12.88 12.86 -9.39
N THR B 39 -13.93 12.20 -9.73
CA THR B 39 -14.65 12.10 -11.03
C THR B 39 -15.81 13.20 -11.13
N GLY B 40 -15.75 13.89 -9.89
CA GLY B 40 -16.56 14.97 -9.35
C GLY B 40 -16.25 16.40 -9.69
N SER B 41 -14.93 16.50 -9.94
CA SER B 41 -14.23 17.65 -10.45
C SER B 41 -13.05 17.27 -11.36
N SER B 42 -12.55 18.45 -11.76
CA SER B 42 -11.47 18.59 -12.63
C SER B 42 -10.35 19.48 -12.12
N ASN B 43 -10.15 19.81 -10.90
CA ASN B 43 -8.95 20.61 -10.56
C ASN B 43 -8.17 19.91 -9.44
N VAL B 44 -6.82 20.20 -9.38
CA VAL B 44 -5.75 19.65 -8.52
C VAL B 44 -5.42 20.77 -7.70
N TRP B 45 -5.48 20.49 -6.48
CA TRP B 45 -5.19 21.37 -5.43
C TRP B 45 -4.75 20.62 -4.28
N VAL B 46 -3.67 21.17 -3.71
CA VAL B 46 -2.91 20.89 -2.41
C VAL B 46 -2.85 22.25 -1.59
N PRO B 47 -2.77 22.24 -0.12
CA PRO B 47 -2.64 23.42 0.67
C PRO B 47 -1.28 24.14 0.42
N SER B 48 -1.25 25.56 0.72
CA SER B 48 0.02 26.38 0.48
C SER B 48 0.63 26.84 1.67
N SER B 49 1.93 27.05 1.64
CA SER B 49 2.69 27.60 2.81
C SER B 49 2.15 29.01 3.07
N LYS B 50 1.74 29.61 1.95
CA LYS B 50 1.20 30.90 1.98
C LYS B 50 -0.09 30.65 2.57
N CYS B 51 -0.40 29.61 3.19
CA CYS B 51 -1.75 29.50 3.76
C CYS B 51 -1.69 30.07 5.17
N SER B 52 -2.64 31.04 5.46
CA SER B 52 -2.45 31.44 6.92
C SER B 52 -2.69 30.40 7.96
N ARG B 53 -1.72 30.27 8.92
CA ARG B 53 -1.90 29.29 10.12
C ARG B 53 -3.04 29.78 11.12
N LEU B 54 -3.71 30.81 10.62
CA LEU B 54 -4.99 31.26 11.33
C LEU B 54 -6.06 29.98 11.13
N TYR B 55 -6.08 29.44 9.87
CA TYR B 55 -6.93 28.31 9.44
C TYR B 55 -6.17 27.09 9.92
N THR B 56 -6.85 26.51 10.88
CA THR B 56 -6.49 25.30 11.56
C THR B 56 -6.25 24.32 10.46
N ALA B 57 -7.36 24.19 9.56
CA ALA B 57 -7.35 23.32 8.42
C ALA B 57 -6.00 23.48 7.79
N CYS B 58 -5.46 24.72 7.63
CA CYS B 58 -4.11 24.84 7.02
C CYS B 58 -3.05 24.54 8.00
N VAL B 59 -3.32 24.80 9.31
CA VAL B 59 -2.29 24.41 10.32
C VAL B 59 -2.02 22.87 10.51
N TYR B 60 -3.13 22.25 10.36
CA TYR B 60 -3.06 20.80 10.43
C TYR B 60 -3.43 20.09 9.09
N HIS B 61 -2.43 19.95 8.22
CA HIS B 61 -2.39 19.36 6.86
C HIS B 61 -1.00 19.84 6.28
N LYS B 62 -0.47 19.06 5.32
CA LYS B 62 0.68 19.47 4.70
C LYS B 62 0.48 20.68 3.64
N LEU B 63 1.45 21.66 3.74
CA LEU B 63 1.59 22.81 2.82
C LEU B 63 2.69 22.72 1.70
N PHE B 64 2.28 23.12 0.48
CA PHE B 64 3.21 23.25 -0.62
C PHE B 64 4.10 24.48 -0.58
N ASP B 65 5.19 24.12 -0.36
CA ASP B 65 6.25 25.08 -0.41
C ASP B 65 7.04 25.34 -1.76
N ALA B 66 6.42 26.13 -2.73
CA ALA B 66 7.03 26.58 -4.01
C ALA B 66 8.55 26.91 -4.16
N SER B 67 9.24 27.21 -3.04
CA SER B 67 10.71 27.45 -3.42
C SER B 67 11.41 26.69 -2.39
N ASP B 68 11.31 25.52 -2.78
CA ASP B 68 11.77 24.30 -2.25
C ASP B 68 11.44 23.59 -3.49
N SER B 69 11.37 24.28 -4.66
CA SER B 69 10.95 23.46 -5.81
C SER B 69 11.38 24.22 -6.94
N SER B 70 12.33 23.55 -7.41
CA SER B 70 12.96 24.08 -8.62
C SER B 70 12.07 24.18 -9.69
N SER B 71 11.05 23.37 -10.10
CA SER B 71 10.29 23.60 -11.30
C SER B 71 9.13 24.61 -11.14
N TYR B 72 9.08 25.07 -9.88
CA TYR B 72 8.05 25.95 -9.65
C TYR B 72 7.97 27.04 -10.78
N LYS B 73 6.72 27.33 -11.15
CA LYS B 73 6.53 28.29 -12.17
C LYS B 73 5.24 29.16 -11.85
N HIS B 74 5.57 30.36 -11.27
CA HIS B 74 4.56 31.24 -10.83
C HIS B 74 3.36 31.56 -11.79
N ASN B 75 2.14 31.95 -11.15
CA ASN B 75 1.07 32.26 -12.00
C ASN B 75 0.25 33.06 -11.23
N GLY B 76 0.01 32.77 -10.03
CA GLY B 76 -0.86 33.66 -9.20
C GLY B 76 -2.36 34.00 -9.63
N THR B 77 -2.91 33.43 -10.79
CA THR B 77 -4.26 33.73 -10.98
C THR B 77 -5.14 33.02 -9.96
N GLU B 78 -5.78 33.87 -9.15
CA GLU B 78 -6.73 33.53 -8.13
C GLU B 78 -7.87 32.49 -8.53
N LEU B 79 -8.02 31.48 -7.58
CA LEU B 79 -9.06 30.48 -7.96
C LEU B 79 -9.96 30.39 -6.70
N THR B 80 -11.26 30.05 -6.86
CA THR B 80 -12.16 29.75 -5.77
C THR B 80 -12.73 28.36 -6.07
N LEU B 81 -12.90 27.34 -5.23
CA LEU B 81 -13.35 26.14 -5.93
C LEU B 81 -14.46 25.80 -5.16
N ARG B 82 -15.70 25.94 -5.74
CA ARG B 82 -16.88 25.73 -4.84
C ARG B 82 -17.32 24.26 -4.93
N TYR B 83 -17.20 23.29 -3.87
CA TYR B 83 -17.66 22.07 -4.29
C TYR B 83 -18.98 22.19 -3.66
N SER B 84 -19.71 21.01 -3.55
CA SER B 84 -21.09 20.72 -3.02
C SER B 84 -21.07 20.40 -1.57
N THR B 85 -20.05 20.97 -0.90
CA THR B 85 -19.79 20.90 0.53
C THR B 85 -18.42 21.47 0.64
N GLY B 86 -18.20 22.82 0.62
CA GLY B 86 -16.87 23.32 0.66
C GLY B 86 -16.31 24.25 -0.38
N THR B 87 -16.08 25.59 -0.03
CA THR B 87 -15.38 26.45 -1.07
C THR B 87 -13.91 26.54 -0.59
N VAL B 88 -12.93 26.58 -1.44
CA VAL B 88 -11.53 26.74 -0.81
C VAL B 88 -11.24 27.74 -1.92
N SER B 89 -10.37 28.63 -1.71
CA SER B 89 -9.99 29.69 -2.70
C SER B 89 -8.42 29.66 -2.90
N GLY B 90 -7.59 30.05 -3.95
CA GLY B 90 -6.11 29.90 -3.79
C GLY B 90 -5.43 30.58 -5.03
N PHE B 91 -4.40 29.90 -5.74
CA PHE B 91 -3.92 30.68 -6.97
C PHE B 91 -3.14 29.85 -7.83
N LEU B 92 -3.23 30.00 -9.05
CA LEU B 92 -2.59 29.12 -9.93
C LEU B 92 -1.11 29.04 -10.04
N SER B 93 -0.64 27.71 -9.98
CA SER B 93 0.79 27.73 -10.19
C SER B 93 1.18 26.64 -11.04
N GLN B 94 2.48 26.44 -11.31
CA GLN B 94 2.99 25.37 -12.09
C GLN B 94 4.02 24.49 -11.45
N ASP B 95 4.24 23.34 -12.00
CA ASP B 95 5.20 22.36 -11.52
C ASP B 95 5.00 20.92 -12.19
N ILE B 96 5.76 19.97 -11.72
CA ILE B 96 5.63 18.66 -12.17
C ILE B 96 5.00 17.87 -11.03
N ILE B 97 3.99 17.07 -11.30
CA ILE B 97 3.27 16.26 -10.37
C ILE B 97 3.55 14.92 -10.88
N THR B 98 3.95 13.97 -9.95
CA THR B 98 4.24 12.65 -10.38
C THR B 98 3.24 11.81 -9.72
N VAL B 99 2.57 11.00 -10.47
CA VAL B 99 1.39 10.24 -10.06
C VAL B 99 1.63 8.89 -10.56
N GLY B 100 1.69 7.82 -9.67
CA GLY B 100 2.12 6.44 -10.08
C GLY B 100 3.61 6.50 -10.50
N GLY B 101 3.81 6.07 -11.63
CA GLY B 101 5.15 6.30 -11.95
C GLY B 101 5.14 7.33 -13.11
N ILE B 102 4.05 8.09 -13.43
CA ILE B 102 4.03 8.99 -14.51
C ILE B 102 4.64 10.29 -14.12
N THR B 103 5.14 11.15 -14.99
CA THR B 103 5.60 12.36 -14.46
C THR B 103 5.11 13.42 -15.29
N VAL B 104 4.17 14.20 -14.86
CA VAL B 104 3.40 15.24 -15.66
C VAL B 104 3.64 16.72 -15.27
N THR B 105 3.47 17.63 -16.09
CA THR B 105 3.60 18.96 -15.64
C THR B 105 2.28 19.57 -15.56
N GLN B 106 1.78 20.00 -14.41
CA GLN B 106 0.50 20.61 -14.39
C GLN B 106 0.51 21.80 -13.52
N MET B 107 -0.62 22.50 -13.87
CA MET B 107 -1.16 23.74 -13.24
C MET B 107 -2.08 23.41 -12.01
N PHE B 108 -1.51 23.55 -10.92
CA PHE B 108 -2.43 23.15 -9.89
C PHE B 108 -2.77 24.42 -9.08
N GLY B 109 -3.54 24.34 -8.02
CA GLY B 109 -3.83 25.47 -7.30
C GLY B 109 -3.20 25.43 -5.97
N GLU B 110 -2.72 26.59 -5.36
CA GLU B 110 -2.14 26.36 -3.97
C GLU B 110 -3.20 26.96 -3.14
N VAL B 111 -3.90 26.25 -2.30
CA VAL B 111 -5.02 26.74 -1.58
C VAL B 111 -4.48 27.55 -0.54
N THR B 112 -5.12 28.65 -0.10
CA THR B 112 -4.72 29.48 1.00
C THR B 112 -6.00 29.80 1.91
N GLU B 113 -7.13 29.22 1.55
CA GLU B 113 -8.17 29.42 2.45
C GLU B 113 -8.86 28.09 2.60
N MET B 114 -8.65 27.36 3.70
CA MET B 114 -9.37 26.14 4.04
C MET B 114 -10.32 26.23 5.47
N PRO B 115 -11.71 26.00 5.21
CA PRO B 115 -12.92 25.78 6.04
C PRO B 115 -12.62 24.54 6.88
N ALA B 116 -12.94 24.73 8.03
CA ALA B 116 -12.64 23.74 9.03
C ALA B 116 -13.39 22.57 9.04
N LEU B 117 -14.34 22.82 8.16
CA LEU B 117 -15.45 22.08 8.07
C LEU B 117 -16.04 22.48 6.80
N PRO B 118 -15.81 21.60 5.94
CA PRO B 118 -15.31 20.16 5.99
C PRO B 118 -13.96 19.87 6.08
N PHE B 119 -13.07 20.82 5.99
CA PHE B 119 -11.71 20.21 5.99
C PHE B 119 -10.87 19.84 7.11
N MET B 120 -11.01 20.32 8.27
CA MET B 120 -10.23 19.88 9.44
C MET B 120 -10.56 18.39 9.59
N LEU B 121 -11.63 17.91 8.92
CA LEU B 121 -11.91 16.40 8.81
C LEU B 121 -11.24 15.85 7.59
N ALA B 122 -10.90 16.46 6.49
CA ALA B 122 -10.22 15.64 5.64
C ALA B 122 -8.82 15.04 6.13
N GLU B 123 -8.40 13.76 5.86
CA GLU B 123 -7.20 13.24 6.26
C GLU B 123 -6.19 13.29 5.25
N PHE B 124 -6.54 13.78 4.11
CA PHE B 124 -5.49 13.81 2.98
C PHE B 124 -5.31 15.26 2.71
N ASP B 125 -4.34 15.72 1.87
CA ASP B 125 -4.26 17.11 1.76
C ASP B 125 -5.01 17.76 0.61
N GLY B 126 -5.43 17.04 -0.40
CA GLY B 126 -6.01 17.78 -1.53
C GLY B 126 -6.82 17.01 -2.40
N VAL B 127 -6.93 17.48 -3.59
CA VAL B 127 -7.84 16.79 -4.43
C VAL B 127 -7.25 16.71 -5.78
N VAL B 128 -7.42 15.64 -6.57
CA VAL B 128 -6.94 15.59 -7.89
C VAL B 128 -8.14 15.43 -8.83
N GLY B 129 -8.73 16.25 -9.67
CA GLY B 129 -9.80 15.92 -10.52
C GLY B 129 -9.59 15.06 -11.82
N MET B 130 -10.46 14.14 -11.84
CA MET B 130 -10.43 13.27 -12.89
C MET B 130 -11.62 13.68 -13.67
N GLY B 131 -12.11 14.85 -13.61
CA GLY B 131 -13.30 15.35 -14.35
C GLY B 131 -13.15 16.13 -15.79
N PHE B 132 -14.24 16.69 -16.52
CA PHE B 132 -13.67 17.08 -17.77
C PHE B 132 -13.09 18.42 -17.61
N ILE B 133 -12.75 19.07 -18.67
CA ILE B 133 -12.15 20.43 -18.62
C ILE B 133 -13.25 21.37 -18.49
N GLU B 134 -14.34 20.92 -18.95
CA GLU B 134 -15.50 21.74 -18.91
C GLU B 134 -15.92 21.98 -17.56
N GLN B 135 -15.62 21.14 -16.71
CA GLN B 135 -16.00 21.37 -15.43
C GLN B 135 -14.76 21.95 -14.79
N ALA B 136 -13.61 22.32 -15.37
CA ALA B 136 -12.62 22.86 -14.54
C ALA B 136 -12.83 24.20 -14.32
N ILE B 137 -12.61 24.64 -13.21
CA ILE B 137 -12.64 26.10 -12.75
C ILE B 137 -11.27 26.70 -13.28
N GLY B 138 -11.37 27.56 -14.38
CA GLY B 138 -10.24 28.20 -14.97
C GLY B 138 -10.08 27.57 -16.29
N ARG B 139 -10.94 26.57 -16.65
CA ARG B 139 -10.75 25.86 -17.97
C ARG B 139 -9.25 25.61 -17.98
N VAL B 140 -8.77 24.91 -17.04
CA VAL B 140 -7.34 24.64 -16.78
C VAL B 140 -7.27 23.20 -17.10
N THR B 141 -6.52 22.93 -17.99
CA THR B 141 -6.36 21.56 -18.42
C THR B 141 -6.07 20.58 -17.37
N PRO B 142 -7.00 19.53 -17.18
CA PRO B 142 -6.69 18.68 -16.12
C PRO B 142 -5.53 17.58 -16.34
N ILE B 143 -5.17 17.01 -15.24
CA ILE B 143 -4.20 15.98 -15.20
C ILE B 143 -4.64 14.74 -16.08
N PHE B 144 -5.87 14.23 -16.26
CA PHE B 144 -5.81 13.10 -17.11
C PHE B 144 -5.60 13.56 -18.55
N ASP B 145 -6.05 14.68 -18.93
CA ASP B 145 -5.91 15.10 -20.25
C ASP B 145 -4.57 15.36 -20.67
N ASN B 146 -3.82 15.93 -19.74
CA ASN B 146 -2.38 16.28 -19.89
C ASN B 146 -1.64 15.11 -20.01
N ILE B 147 -1.96 14.07 -19.31
CA ILE B 147 -1.24 12.75 -19.21
C ILE B 147 -1.41 11.94 -20.53
N ILE B 148 -2.74 11.76 -21.00
CA ILE B 148 -3.26 11.14 -22.15
C ILE B 148 -2.57 11.81 -23.32
N SER B 149 -1.84 12.94 -23.18
CA SER B 149 -1.15 13.49 -24.34
C SER B 149 0.34 13.12 -24.28
N GLN B 150 0.96 12.55 -23.25
CA GLN B 150 2.30 12.21 -23.29
C GLN B 150 2.32 11.01 -24.28
N GLY B 151 1.10 10.47 -24.69
CA GLY B 151 1.53 9.28 -25.64
C GLY B 151 1.74 8.05 -24.77
N VAL B 152 2.61 7.85 -23.84
CA VAL B 152 2.52 6.74 -22.89
C VAL B 152 1.25 6.02 -22.35
N LEU B 153 0.10 6.50 -21.96
CA LEU B 153 -0.71 5.36 -21.32
C LEU B 153 -1.11 4.27 -22.26
N LYS B 154 -1.56 3.10 -21.88
CA LYS B 154 -1.97 2.17 -22.83
C LYS B 154 -3.37 2.47 -23.28
N GLU B 155 -4.31 3.13 -22.57
CA GLU B 155 -5.70 3.48 -22.96
C GLU B 155 -6.28 4.64 -22.20
N ASP B 156 -7.00 5.44 -22.99
CA ASP B 156 -7.78 6.61 -22.60
C ASP B 156 -8.83 6.11 -21.61
N VAL B 157 -8.42 5.43 -20.46
CA VAL B 157 -9.28 4.78 -19.40
C VAL B 157 -8.76 4.96 -17.91
N PHE B 158 -9.43 4.85 -16.89
CA PHE B 158 -8.75 4.94 -15.62
C PHE B 158 -9.77 4.34 -14.77
N SER B 159 -9.45 3.37 -13.85
CA SER B 159 -10.37 2.65 -13.07
C SER B 159 -10.01 2.82 -11.65
N PHE B 160 -10.95 2.46 -10.89
CA PHE B 160 -11.01 2.45 -9.48
C PHE B 160 -11.53 1.14 -8.84
N TYR B 161 -10.94 0.84 -7.71
CA TYR B 161 -11.21 -0.26 -6.85
C TYR B 161 -11.26 0.33 -5.33
N TYR B 162 -12.43 0.17 -4.54
CA TYR B 162 -12.21 0.61 -3.31
C TYR B 162 -12.55 -0.66 -2.19
N ASN B 163 -11.48 -1.29 -1.25
CA ASN B 163 -11.77 -2.25 -0.23
C ASN B 163 -12.97 -1.70 0.76
N ARG B 164 -13.60 -2.67 1.49
CA ARG B 164 -14.64 -2.73 2.52
C ARG B 164 -13.73 -2.54 3.76
N ASP B 165 -14.10 -2.29 5.08
CA ASP B 165 -12.92 -1.95 6.01
C ASP B 165 -12.19 -3.37 6.06
N SER B 166 -11.34 -3.43 4.99
N SER B 171 -4.01 -4.85 4.77
CA SER B 171 -5.26 -4.85 3.64
C SER B 171 -4.97 -3.74 2.58
N LEU B 172 -5.63 -3.46 1.39
CA LEU B 172 -5.15 -2.51 0.56
C LEU B 172 -5.92 -1.27 0.54
N GLY B 173 -7.16 -1.43 0.27
CA GLY B 173 -7.58 -0.01 0.34
C GLY B 173 -8.11 0.41 -0.87
N GLY B 174 -7.45 0.19 -1.91
CA GLY B 174 -8.04 0.52 -3.16
C GLY B 174 -6.96 0.71 -4.02
N GLN B 175 -7.15 0.96 -5.28
CA GLN B 175 -6.13 1.29 -6.31
C GLN B 175 -6.70 2.10 -7.53
N ILE B 176 -5.91 2.95 -8.09
CA ILE B 176 -6.42 3.49 -9.28
C ILE B 176 -5.57 2.86 -10.31
N VAL B 177 -6.11 2.57 -11.45
CA VAL B 177 -5.17 2.10 -12.38
C VAL B 177 -5.41 3.08 -13.48
N LEU B 178 -4.50 3.91 -13.68
CA LEU B 178 -4.61 4.80 -14.78
C LEU B 178 -4.08 4.01 -16.11
N GLY B 179 -4.90 3.97 -17.18
CA GLY B 179 -4.47 3.42 -18.39
C GLY B 179 -5.11 2.22 -18.73
N GLY B 180 -5.78 1.63 -17.82
CA GLY B 180 -6.43 0.42 -17.97
C GLY B 180 -7.06 -0.17 -16.63
N SER B 181 -7.18 -1.60 -16.39
CA SER B 181 -7.92 -2.17 -15.27
C SER B 181 -7.17 -3.28 -14.48
N ASP B 182 -7.43 -3.80 -13.34
CA ASP B 182 -6.60 -4.71 -12.99
C ASP B 182 -7.48 -5.67 -12.62
N PRO B 183 -7.17 -6.76 -13.27
CA PRO B 183 -8.20 -7.90 -13.13
C PRO B 183 -8.17 -8.61 -11.95
N GLN B 184 -7.17 -8.26 -11.27
CA GLN B 184 -7.08 -9.00 -10.04
C GLN B 184 -8.13 -8.61 -9.12
N HIS B 185 -8.86 -7.53 -9.48
CA HIS B 185 -9.84 -6.99 -8.62
C HIS B 185 -11.25 -6.93 -9.01
N TYR B 186 -11.62 -7.78 -9.97
CA TYR B 186 -13.01 -7.79 -10.34
C TYR B 186 -13.48 -9.10 -10.92
N GLU B 187 -14.79 -9.38 -10.81
CA GLU B 187 -14.97 -10.57 -11.46
C GLU B 187 -15.85 -10.52 -12.72
N GLY B 188 -15.54 -11.22 -13.80
CA GLY B 188 -16.50 -10.99 -14.81
C GLY B 188 -16.05 -10.14 -15.93
N ASN B 189 -16.92 -9.73 -16.80
CA ASN B 189 -16.54 -8.97 -17.82
C ASN B 189 -17.28 -7.63 -17.61
N PHE B 190 -16.81 -6.38 -17.71
CA PHE B 190 -17.69 -5.18 -17.63
C PHE B 190 -18.72 -5.05 -18.70
N HIS B 191 -19.78 -4.29 -18.45
CA HIS B 191 -20.90 -3.66 -19.15
C HIS B 191 -20.84 -2.00 -19.01
N TYR B 192 -20.78 -1.22 -20.09
CA TYR B 192 -20.74 0.08 -20.02
C TYR B 192 -22.05 0.65 -20.17
N ILE B 193 -22.19 1.78 -19.63
CA ILE B 193 -23.27 2.47 -19.61
C ILE B 193 -22.72 3.85 -19.92
N ASN B 194 -23.12 4.32 -21.03
CA ASN B 194 -22.94 5.63 -21.66
C ASN B 194 -23.41 7.05 -21.15
N LEU B 195 -22.42 7.99 -21.27
CA LEU B 195 -22.28 9.30 -20.80
C LEU B 195 -23.35 9.99 -21.44
N ILE B 196 -24.14 10.62 -20.53
CA ILE B 196 -25.36 11.29 -20.92
C ILE B 196 -25.10 12.58 -21.73
N LYS B 197 -23.79 12.92 -21.81
CA LYS B 197 -23.30 14.12 -22.40
C LYS B 197 -22.01 14.21 -21.68
N THR B 198 -21.04 14.40 -22.54
CA THR B 198 -19.59 14.68 -22.22
C THR B 198 -19.48 15.89 -21.34
N GLY B 199 -18.50 15.93 -20.57
CA GLY B 199 -18.44 17.19 -19.71
C GLY B 199 -18.44 16.82 -18.23
N VAL B 200 -19.30 15.87 -17.83
CA VAL B 200 -19.59 15.31 -16.51
C VAL B 200 -19.59 13.88 -16.68
N TRP B 201 -19.13 13.20 -15.55
CA TRP B 201 -19.14 11.68 -15.36
C TRP B 201 -20.59 11.20 -14.71
N GLN B 202 -21.75 11.41 -15.50
CA GLN B 202 -23.08 11.15 -15.08
C GLN B 202 -23.89 10.18 -15.97
N ILE B 203 -24.72 9.35 -15.51
CA ILE B 203 -25.28 8.68 -16.51
C ILE B 203 -26.77 8.88 -16.38
N GLN B 204 -27.68 8.08 -17.12
CA GLN B 204 -29.12 8.20 -16.87
C GLN B 204 -29.46 6.95 -16.16
N MET B 205 -30.32 6.84 -15.07
CA MET B 205 -30.75 5.71 -14.31
C MET B 205 -32.29 5.71 -14.36
N LYS B 206 -32.50 4.59 -14.71
CA LYS B 206 -33.81 4.28 -15.03
C LYS B 206 -34.77 3.78 -13.96
N GLY B 207 -34.61 3.88 -12.62
CA GLY B 207 -35.59 3.39 -11.65
C GLY B 207 -34.70 3.03 -10.39
N VAL B 208 -35.00 3.38 -9.05
CA VAL B 208 -34.17 2.91 -7.92
C VAL B 208 -35.37 2.11 -7.29
N SER B 209 -34.94 0.82 -7.06
CA SER B 209 -35.94 -0.07 -6.63
C SER B 209 -35.45 -0.60 -5.34
N VAL B 210 -36.18 -0.27 -4.41
CA VAL B 210 -36.02 -0.52 -3.08
C VAL B 210 -36.90 -1.62 -3.10
N GLY B 211 -36.26 -2.60 -2.52
CA GLY B 211 -36.66 -3.95 -2.31
C GLY B 211 -37.08 -4.52 -3.59
N SER B 212 -38.29 -4.82 -3.57
CA SER B 212 -38.85 -5.63 -4.60
C SER B 212 -39.35 -4.93 -5.86
N SER B 213 -40.17 -3.73 -5.56
CA SER B 213 -40.69 -3.13 -6.76
C SER B 213 -40.04 -1.67 -7.08
N THR B 214 -39.76 -1.33 -8.50
CA THR B 214 -39.26 0.02 -8.77
C THR B 214 -40.12 1.12 -7.97
N LEU B 215 -39.42 1.49 -6.87
CA LEU B 215 -40.04 2.52 -6.11
C LEU B 215 -39.83 3.83 -6.68
N LEU B 216 -38.57 4.06 -6.64
CA LEU B 216 -38.34 5.46 -7.06
C LEU B 216 -37.62 5.72 -8.37
N CYS B 217 -37.53 6.95 -8.73
CA CYS B 217 -36.87 7.42 -9.98
C CYS B 217 -37.42 6.69 -11.22
N GLU B 218 -38.73 6.13 -11.11
CA GLU B 218 -39.16 5.47 -12.39
C GLU B 218 -39.20 6.59 -13.30
N ASP B 219 -38.94 6.15 -14.49
CA ASP B 219 -38.90 7.32 -15.29
C ASP B 219 -37.79 8.29 -15.23
N GLY B 220 -36.46 7.72 -15.27
CA GLY B 220 -35.07 8.21 -15.37
C GLY B 220 -34.91 9.37 -14.50
N CYS B 221 -33.57 9.55 -14.30
CA CYS B 221 -33.01 10.52 -13.56
C CYS B 221 -31.52 10.57 -13.61
N LEU B 222 -30.79 11.11 -12.72
CA LEU B 222 -29.38 11.12 -13.13
C LEU B 222 -28.52 10.64 -12.12
N ALA B 223 -27.39 10.06 -12.37
CA ALA B 223 -26.63 9.59 -11.29
C ALA B 223 -25.35 10.08 -11.63
N LEU B 224 -24.56 10.84 -10.86
CA LEU B 224 -23.23 11.25 -11.25
C LEU B 224 -22.54 10.11 -10.62
N VAL B 225 -21.38 9.78 -11.04
CA VAL B 225 -20.49 8.68 -10.55
C VAL B 225 -19.30 9.32 -9.92
N ASP B 226 -19.33 9.40 -8.56
CA ASP B 226 -18.20 10.21 -7.94
C ASP B 226 -17.22 9.47 -7.08
N THR B 227 -15.97 9.44 -7.46
CA THR B 227 -15.03 8.74 -6.76
C THR B 227 -14.57 9.41 -5.41
N GLY B 228 -14.98 10.67 -5.38
CA GLY B 228 -14.76 11.50 -4.33
C GLY B 228 -15.85 11.78 -3.37
N ALA B 229 -16.96 10.97 -3.19
CA ALA B 229 -18.04 11.04 -2.28
C ALA B 229 -18.18 9.69 -1.48
N SER B 230 -18.62 9.63 -0.22
CA SER B 230 -18.66 8.49 0.39
C SER B 230 -19.78 7.64 0.38
N TYR B 231 -20.87 8.32 0.19
CA TYR B 231 -22.03 7.70 0.13
C TYR B 231 -22.64 7.62 -1.30
N ILE B 232 -23.84 7.15 -1.46
CA ILE B 232 -24.73 7.16 -2.53
C ILE B 232 -25.60 8.29 -1.93
N SER B 233 -25.84 9.40 -2.67
CA SER B 233 -26.55 10.51 -2.28
C SER B 233 -27.81 10.63 -2.97
N GLY B 234 -28.80 11.31 -2.38
CA GLY B 234 -29.92 11.48 -3.26
C GLY B 234 -30.50 12.81 -2.93
N SER B 235 -31.45 13.17 -3.62
CA SER B 235 -31.91 14.45 -3.00
C SER B 235 -32.67 14.21 -1.72
N THR B 236 -32.75 15.21 -0.99
CA THR B 236 -33.48 15.13 0.26
C THR B 236 -34.76 14.45 0.27
N SER B 237 -35.59 14.75 -0.46
CA SER B 237 -36.75 13.96 -0.39
C SER B 237 -36.73 12.61 -1.06
N SER B 238 -35.90 12.48 -2.08
CA SER B 238 -36.02 11.06 -2.56
C SER B 238 -35.41 10.13 -1.52
N ILE B 239 -34.31 10.73 -0.78
CA ILE B 239 -33.75 10.05 0.29
C ILE B 239 -34.83 9.73 1.39
N GLU B 240 -35.70 10.74 1.60
CA GLU B 240 -36.72 10.56 2.53
C GLU B 240 -37.55 9.34 2.08
N LYS B 241 -37.99 9.34 0.88
CA LYS B 241 -38.86 8.30 0.41
C LYS B 241 -38.28 7.00 0.52
N LEU B 242 -36.99 6.90 0.17
CA LEU B 242 -36.31 5.67 0.30
C LEU B 242 -36.23 5.19 1.75
N MET B 243 -35.82 5.97 2.58
CA MET B 243 -35.57 5.53 3.80
C MET B 243 -36.75 5.04 4.60
N GLU B 244 -37.87 5.73 4.21
CA GLU B 244 -39.10 5.57 4.78
C GLU B 244 -39.41 4.17 4.45
N ALA B 245 -38.98 3.79 3.32
CA ALA B 245 -39.21 2.45 2.86
C ALA B 245 -38.32 1.43 3.48
N LEU B 246 -37.01 1.78 3.73
CA LEU B 246 -35.98 0.94 4.46
C LEU B 246 -36.48 0.60 5.93
N GLY B 247 -37.35 1.47 6.35
CA GLY B 247 -37.82 1.45 7.71
C GLY B 247 -36.73 2.16 8.62
N ALA B 248 -35.96 3.17 7.97
CA ALA B 248 -35.00 3.75 8.94
C ALA B 248 -35.54 5.04 9.45
N LYS B 249 -35.04 5.58 10.54
CA LYS B 249 -35.45 6.96 10.83
C LYS B 249 -34.27 7.82 11.08
N LYS B 250 -34.35 9.03 10.61
CA LYS B 250 -33.27 10.08 10.87
C LYS B 250 -32.99 10.24 12.37
N ARG B 251 -31.67 10.12 12.85
CA ARG B 251 -31.72 10.19 14.24
C ARG B 251 -31.68 11.57 14.58
N LEU B 252 -30.40 11.86 14.65
CA LEU B 252 -30.19 13.28 14.92
C LEU B 252 -29.73 13.83 13.50
N PHE B 253 -28.56 13.34 13.15
CA PHE B 253 -27.78 13.65 12.01
C PHE B 253 -28.01 12.16 11.46
N ASP B 254 -27.67 11.69 10.12
CA ASP B 254 -27.75 10.29 9.77
C ASP B 254 -29.07 9.64 10.22
N TYR B 255 -29.37 8.59 9.44
CA TYR B 255 -30.57 7.80 9.53
C TYR B 255 -30.08 6.58 10.18
N VAL B 256 -31.02 5.96 10.84
CA VAL B 256 -30.68 4.80 11.55
C VAL B 256 -31.82 3.89 11.64
N VAL B 257 -31.27 2.61 11.67
CA VAL B 257 -31.73 1.33 11.77
C VAL B 257 -30.85 0.71 12.98
N LYS B 258 -31.44 -0.38 13.59
CA LYS B 258 -30.96 -1.14 14.77
C LYS B 258 -30.16 -2.27 14.32
N CYS B 259 -29.09 -2.54 15.17
CA CYS B 259 -28.13 -3.58 14.67
C CYS B 259 -28.76 -4.86 14.14
N ASN B 260 -29.62 -5.42 15.09
CA ASN B 260 -30.29 -6.62 15.02
C ASN B 260 -30.83 -6.96 13.44
N GLU B 261 -31.62 -5.88 13.05
CA GLU B 261 -32.65 -5.37 12.04
C GLU B 261 -31.85 -5.17 10.72
N GLY B 262 -30.54 -5.07 10.81
CA GLY B 262 -29.67 -4.87 9.82
C GLY B 262 -29.89 -5.76 8.82
N PRO B 263 -29.37 -7.06 8.93
CA PRO B 263 -29.51 -8.25 8.04
C PRO B 263 -30.95 -8.31 7.49
N THR B 264 -32.09 -7.98 8.40
CA THR B 264 -33.52 -8.05 7.67
C THR B 264 -33.91 -7.02 6.52
N LEU B 265 -33.18 -5.84 6.25
CA LEU B 265 -33.53 -4.78 5.32
C LEU B 265 -33.52 -5.21 3.81
N PRO B 266 -34.35 -4.51 2.87
CA PRO B 266 -34.38 -4.73 1.40
C PRO B 266 -33.08 -4.55 0.77
N ASP B 267 -33.01 -4.67 -0.49
CA ASP B 267 -31.93 -4.48 -1.33
C ASP B 267 -32.25 -3.33 -2.25
N ILE B 268 -31.35 -2.54 -2.78
CA ILE B 268 -31.71 -1.46 -3.57
C ILE B 268 -31.03 -1.87 -4.69
N SER B 269 -31.53 -1.53 -5.72
CA SER B 269 -30.95 -1.85 -7.04
C SER B 269 -31.18 -0.75 -7.98
N PHE B 270 -30.02 -0.34 -8.40
CA PHE B 270 -29.92 0.71 -9.29
C PHE B 270 -29.90 0.15 -10.68
N HIS B 271 -31.08 0.41 -11.29
CA HIS B 271 -31.47 0.07 -12.72
C HIS B 271 -30.75 0.89 -13.69
N LEU B 272 -29.68 0.36 -14.14
CA LEU B 272 -29.09 1.37 -14.96
C LEU B 272 -28.27 0.90 -16.03
N GLY B 273 -28.36 1.65 -17.15
CA GLY B 273 -27.71 1.08 -18.28
C GLY B 273 -28.50 -0.16 -18.81
N GLY B 274 -29.71 -0.42 -18.34
CA GLY B 274 -30.44 -1.57 -18.92
C GLY B 274 -30.20 -2.85 -18.15
N LYS B 275 -29.16 -2.83 -17.19
CA LYS B 275 -28.73 -3.89 -16.26
C LYS B 275 -29.15 -3.26 -14.89
N GLU B 276 -29.40 -4.04 -13.83
CA GLU B 276 -29.87 -3.66 -12.46
C GLU B 276 -28.65 -3.86 -11.68
N TYR B 277 -28.22 -2.83 -10.92
CA TYR B 277 -26.93 -2.93 -10.16
C TYR B 277 -27.48 -3.00 -8.78
N THR B 278 -27.39 -4.17 -8.04
CA THR B 278 -27.89 -4.41 -6.68
C THR B 278 -27.02 -4.38 -5.51
N LEU B 279 -27.47 -3.69 -4.52
CA LEU B 279 -26.66 -3.73 -3.33
C LEU B 279 -27.44 -4.39 -2.11
N THR B 280 -26.90 -4.88 -1.09
CA THR B 280 -27.72 -5.29 0.03
C THR B 280 -27.46 -4.62 1.30
N SER B 281 -28.32 -4.88 2.24
CA SER B 281 -28.18 -4.52 3.60
C SER B 281 -26.77 -4.43 3.97
N ALA B 282 -26.02 -5.43 3.58
CA ALA B 282 -24.56 -5.59 3.82
C ALA B 282 -24.08 -4.49 3.20
N ASP B 283 -23.92 -4.42 1.92
CA ASP B 283 -23.62 -3.38 1.18
C ASP B 283 -24.04 -2.12 1.58
N TYR B 284 -25.15 -1.81 2.11
CA TYR B 284 -25.31 -0.40 2.59
C TYR B 284 -25.45 0.10 4.01
N VAL B 285 -25.39 -0.81 4.85
CA VAL B 285 -25.50 -0.54 6.21
C VAL B 285 -24.24 -0.60 7.00
N PHE B 286 -23.96 0.41 8.00
CA PHE B 286 -22.75 0.21 8.68
C PHE B 286 -22.80 -0.47 10.10
N GLN B 287 -22.61 -1.81 10.00
CA GLN B 287 -22.68 -2.81 11.03
C GLN B 287 -21.71 -2.78 12.14
N GLU B 288 -21.46 -1.62 12.85
CA GLU B 288 -20.50 -1.81 13.93
C GLU B 288 -21.15 -2.73 14.97
N SER B 289 -22.16 -3.76 14.78
CA SER B 289 -22.75 -4.58 15.80
C SER B 289 -23.89 -5.33 15.08
N TYR B 290 -24.52 -6.32 15.70
CA TYR B 290 -25.72 -7.00 15.31
C TYR B 290 -26.70 -6.88 16.58
N SER B 291 -26.14 -6.13 17.60
CA SER B 291 -26.81 -5.82 18.83
C SER B 291 -28.14 -5.27 18.71
N SER B 292 -29.09 -6.04 19.27
CA SER B 292 -30.44 -5.52 19.24
C SER B 292 -30.60 -4.20 20.24
N LYS B 293 -29.47 -4.06 21.00
CA LYS B 293 -29.17 -3.24 22.13
C LYS B 293 -28.53 -1.80 21.82
N LYS B 294 -28.17 -1.71 20.48
CA LYS B 294 -27.55 -0.63 19.71
C LYS B 294 -28.16 -0.26 18.24
N LEU B 295 -27.87 0.97 17.63
CA LEU B 295 -28.24 1.58 16.39
C LEU B 295 -27.03 1.72 15.46
N CYS B 296 -27.32 1.36 14.24
CA CYS B 296 -26.57 1.30 13.08
C CYS B 296 -26.84 2.34 11.94
N THR B 297 -25.82 3.12 11.32
CA THR B 297 -25.91 4.18 10.22
C THR B 297 -25.95 3.62 8.83
N LEU B 298 -26.59 4.25 7.98
CA LEU B 298 -26.60 3.59 6.72
C LEU B 298 -25.60 4.39 5.81
N ALA B 299 -24.94 3.81 4.65
CA ALA B 299 -24.07 4.55 3.94
C ALA B 299 -24.68 5.29 2.73
N ILE B 300 -25.95 5.83 2.90
CA ILE B 300 -26.63 6.48 1.80
C ILE B 300 -27.10 7.78 2.29
N HIS B 301 -26.70 8.87 1.72
CA HIS B 301 -27.07 10.07 2.30
C HIS B 301 -27.67 11.14 1.37
N ALA B 302 -28.77 11.93 1.63
CA ALA B 302 -29.30 12.89 0.63
C ALA B 302 -28.31 13.87 0.32
N MET B 303 -28.32 14.53 -0.78
CA MET B 303 -27.25 15.56 -0.96
C MET B 303 -27.88 16.41 -2.08
N ASP B 304 -28.44 17.53 -1.73
CA ASP B 304 -29.03 18.18 -2.80
C ASP B 304 -27.87 18.87 -3.50
N ILE B 305 -27.36 18.59 -4.84
CA ILE B 305 -26.37 19.38 -5.55
C ILE B 305 -27.10 20.00 -6.71
N PRO B 306 -26.65 21.20 -7.04
CA PRO B 306 -27.18 22.29 -7.99
C PRO B 306 -27.32 22.20 -9.47
N PRO B 307 -28.46 22.65 -9.92
CA PRO B 307 -29.23 22.57 -11.19
C PRO B 307 -28.64 22.03 -12.47
N PRO B 308 -27.31 22.47 -12.88
CA PRO B 308 -26.88 21.82 -14.18
C PRO B 308 -26.50 20.30 -13.70
N THR B 309 -25.40 20.37 -12.61
CA THR B 309 -24.85 19.11 -12.28
C THR B 309 -25.92 18.35 -11.67
N GLY B 310 -26.40 19.07 -10.63
CA GLY B 310 -27.43 18.45 -9.71
C GLY B 310 -28.64 19.08 -10.13
N PRO B 311 -29.81 18.80 -9.82
CA PRO B 311 -30.12 17.81 -8.97
C PRO B 311 -29.76 16.48 -9.55
N THR B 312 -29.11 15.61 -8.79
CA THR B 312 -28.75 14.22 -9.17
C THR B 312 -28.34 13.31 -7.97
N TRP B 313 -28.44 12.00 -8.30
CA TRP B 313 -27.99 10.95 -7.46
C TRP B 313 -26.53 10.97 -7.72
N ALA B 314 -25.75 10.52 -6.76
CA ALA B 314 -24.22 10.52 -7.06
C ALA B 314 -23.80 9.17 -6.47
N LEU B 315 -23.26 8.23 -7.21
CA LEU B 315 -22.88 6.88 -6.72
C LEU B 315 -21.47 7.02 -6.29
N GLY B 316 -21.26 7.09 -4.96
CA GLY B 316 -20.05 7.27 -4.17
C GLY B 316 -19.22 6.01 -3.75
N ALA B 317 -18.32 6.07 -2.79
CA ALA B 317 -17.56 5.01 -2.30
C ALA B 317 -18.53 3.85 -2.06
N THR B 318 -19.73 4.05 -1.51
CA THR B 318 -20.64 3.03 -1.27
C THR B 318 -20.87 2.16 -2.41
N PHE B 319 -21.14 2.79 -3.67
CA PHE B 319 -21.37 2.00 -4.85
C PHE B 319 -20.20 1.46 -5.48
N ILE B 320 -19.17 2.11 -5.43
CA ILE B 320 -17.81 1.74 -5.97
C ILE B 320 -17.10 0.57 -5.29
N ARG B 321 -17.46 0.41 -4.01
CA ARG B 321 -16.97 -0.61 -3.09
C ARG B 321 -17.52 -1.88 -3.61
N LYS B 322 -18.69 -1.82 -4.26
CA LYS B 322 -19.49 -2.84 -4.91
C LYS B 322 -19.07 -3.37 -6.28
N PHE B 323 -19.15 -2.52 -7.23
CA PHE B 323 -18.76 -2.67 -8.47
C PHE B 323 -17.49 -1.97 -8.78
N TYR B 324 -16.35 -2.65 -9.13
CA TYR B 324 -15.14 -1.97 -9.59
C TYR B 324 -15.46 -0.99 -10.78
N THR B 325 -14.93 0.32 -11.01
CA THR B 325 -15.37 1.29 -12.14
C THR B 325 -14.42 1.68 -13.18
N GLU B 326 -14.86 1.73 -14.39
CA GLU B 326 -13.85 2.12 -15.22
C GLU B 326 -14.28 3.29 -15.96
N PHE B 327 -13.55 4.43 -15.90
CA PHE B 327 -14.00 5.67 -16.58
C PHE B 327 -13.30 5.74 -17.91
N ASP B 328 -13.86 6.00 -19.04
CA ASP B 328 -13.38 5.84 -20.28
C ASP B 328 -13.62 6.92 -21.09
N ARG B 329 -12.55 7.55 -21.39
CA ARG B 329 -12.46 8.65 -22.12
C ARG B 329 -12.53 8.53 -23.65
N ARG B 330 -12.05 7.39 -24.19
CA ARG B 330 -12.15 7.23 -25.67
C ARG B 330 -13.69 7.38 -26.01
N ASN B 331 -14.45 6.48 -25.49
CA ASN B 331 -15.75 6.19 -25.59
C ASN B 331 -16.71 6.91 -24.68
N ASN B 332 -16.19 7.69 -23.84
CA ASN B 332 -17.00 8.57 -22.94
C ASN B 332 -18.19 7.81 -22.51
N ARG B 333 -17.83 6.74 -21.84
CA ARG B 333 -18.69 5.73 -21.22
C ARG B 333 -17.96 5.28 -19.86
N ILE B 334 -18.65 4.61 -18.89
CA ILE B 334 -18.24 4.13 -17.62
C ILE B 334 -18.44 2.60 -17.51
N GLY B 335 -17.58 1.69 -17.15
CA GLY B 335 -18.00 0.33 -17.02
C GLY B 335 -17.91 -0.04 -15.53
N PHE B 336 -18.69 -1.14 -15.24
CA PHE B 336 -18.87 -1.64 -13.95
C PHE B 336 -18.69 -3.08 -13.83
N ALA B 337 -17.86 -3.81 -13.05
CA ALA B 337 -18.00 -5.24 -12.99
C ALA B 337 -18.06 -5.46 -11.56
N LEU B 338 -18.48 -6.62 -11.05
CA LEU B 338 -18.46 -6.85 -9.66
C LEU B 338 -17.08 -6.65 -9.14
N ALA B 339 -16.95 -5.98 -7.90
CA ALA B 339 -15.60 -5.80 -7.30
C ALA B 339 -15.34 -6.97 -6.53
N ARG B 340 -14.08 -7.25 -6.57
CA ARG B 340 -13.54 -8.46 -5.99
C ARG B 340 -12.21 -8.13 -5.41
C1 C47 C . 10.49 -11.04 7.29
O2 C47 C . 10.58 -12.35 8.06
C3 C47 C . 11.00 -12.12 9.41
O4 C47 C . 11.04 -10.92 9.79
C5 C47 C . 11.45 -13.16 10.36
C6 C47 C . 10.40 -12.91 11.41
C7 C47 C . 10.68 -13.70 12.63
C8 C47 C . 9.66 -14.41 13.36
C9 C47 C . 10.10 -15.22 14.56
C10 C47 C . 11.43 -15.38 14.94
C11 C47 C . 12.44 -14.76 14.18
C12 C47 C . 12.06 -13.93 12.96
N13 C47 C . 13.05 -13.18 12.10
C14 C47 C . 12.65 -12.55 10.89
C15 C47 C . 14.39 -13.05 12.50
O16 C47 C . 14.77 -13.51 13.59
C17 C47 C . 15.42 -12.42 11.55
C18 C47 C . 16.48 -13.40 11.43
C19 C47 C . 16.01 -14.74 11.05
C20 C47 C . 17.30 -13.61 12.72
C21 C47 C . 17.37 -12.95 10.39
C22 C47 C . 17.88 -11.56 10.78
N23 C47 C . 17.03 -10.59 9.86
C24 C47 C . 19.34 -11.35 10.41
O25 C47 C . 19.12 -11.08 8.96
C26 C47 C . 19.73 -10.01 11.23
C27 C47 C . 21.15 -9.66 10.80
C28 C47 C . 21.36 -8.14 11.06
C29 C47 C . 22.09 -10.73 11.43
O30 C47 C . 21.68 -11.47 12.25
N31 C47 C . 23.28 -10.89 11.04
C32 C47 C . 24.13 -12.02 11.33
C33 C47 C . 23.37 -13.16 11.01
C34 C47 C . 24.36 -14.16 10.53
C35 C47 C . 25.11 -14.46 11.91
C1 C47 D . -14.53 9.57 -1.14
O2 C47 D . -13.75 10.62 -0.59
C3 C47 D . -14.46 11.59 0.34
O4 C47 D . -15.61 11.52 1.30
C5 C47 D . -13.97 12.98 0.48
C6 C47 D . -14.53 12.93 2.02
C7 C47 D . -14.23 14.14 2.70
C8 C47 D . -13.82 14.20 4.04
C9 C47 D . -13.41 15.43 4.69
C10 C47 D . -13.68 16.59 3.90
C11 C47 D . -14.19 16.45 2.54
C12 C47 D . -14.38 15.17 1.94
N13 C47 D . -14.86 14.94 0.49
C14 C47 D . -15.06 13.74 -0.27
C15 C47 D . -15.17 16.01 -0.28
O16 C47 D . -15.28 17.28 0.17
C17 C47 D . -15.66 15.76 -1.66
C18 C47 D . -15.26 17.02 -2.44
C19 C47 D . -13.61 16.95 -2.22
C20 C47 D . -16.17 18.28 -2.22
C21 C47 D . -15.60 16.75 -3.95
C22 C47 D . -17.13 16.39 -4.09
N23 C47 D . -17.17 15.03 -4.56
C24 C47 D . -17.38 17.08 -5.46
O25 C47 D . -16.49 16.83 -6.55
C26 C47 D . -18.78 16.77 -5.59
C27 C47 D . -19.22 17.34 -6.82
C28 C47 D . -20.79 17.22 -6.82
C29 C47 D . -18.74 18.78 -6.98
O30 C47 D . -18.54 19.44 -5.96
N31 C47 D . -18.61 19.34 -8.27
C32 C47 D . -18.21 20.68 -8.43
C33 C47 D . -16.84 20.83 -7.87
C34 C47 D . -16.04 21.85 -8.77
C35 C47 D . -16.56 23.40 -8.63
#